data_6Y5C
#
_entry.id   6Y5C
#
_cell.length_a   127.957
_cell.length_b   127.957
_cell.length_c   115.921
_cell.angle_alpha   90.00
_cell.angle_beta   90.00
_cell.angle_gamma   90.00
#
_symmetry.space_group_name_H-M   'P 43 21 2'
#
loop_
_entity.id
_entity.type
_entity.pdbx_description
1 polymer 'Glycogen phosphorylase, muscle form'
2 non-polymer 2-(4-methylphenyl)-5,7-bis(oxidanyl)chromen-4-one
3 water water
#
_entity_poly.entity_id   1
_entity_poly.type   'polypeptide(L)'
_entity_poly.pdbx_seq_one_letter_code
;SRPLSDQEKRKQISVRGLAGVENVTELKKNFNRHLHFTLVKDRNVATPRDYYFALAHTVRDHLVGRWIRTQQHYYEKDPK
RIYYLSLEFYMGRTLQNTMVNLALENACDEATYQLGLDMEELEEIEEDAGLGNGGLGRLAACFLDSMATLGLAAYGYGIR
YEFGIFNQKICGGWQMEEADDWLRYGNPWEKARPEFTLPVHFYGRVEHTSQGAKWVDTQVVLAMPYDTPVPGYRNNVVNT
MRLWSAKAPNDFNLKDFNVGGYIQAVLDRNLAENISRVLYPNDNFFEGKELRLKQEYFVVAATLQDIIRRFKSSKFGCRD
PVRTNFDAFPDKVAIQLNDTHPSLAIPELMRVLVDLERLDWDKAWEVTVKTCAYTNHTVLPEALERWPVHLLETLLPRHL
QIIYEINQRFLNRVAAAFPGDVDRLRRMSLVEEGAVKRINMAHLCIAGSHAVNGVARIHSEILKKTIFKDFYELEPHKFQ
NKTNGITPRRWLVLCNPGLAEIIAERIGEEYISDLDQLRKLLSYVDDEAFIRDVAKVKQENKLKFAAYLEREYKVHINPN
SLFDVQVKRIHEYKRQLLNCLHVITLYNRIKKEPNKFVVPRTVMIGGKAAPGYHMAKMIIKLITAIGDVVNHDPVVGDRL
RVIFLENYRVSLAEKVIPAADLSEQISTAGTEASGTGNM(LLP)FMLNGALTIGTMDGANVEMAEEAGEENFFIFGMRVE
DVDRLDQRGYNAQEYYDRIPELRQIIEQLSSGFFSPKQPDLFKDIVNMLMHHDRFKVFADYEEYVKCQERVSALYKNPRE
WTRMVIRNIATSGKFSSDRTIAQYAREIWGVEPSRQRLPAPDEKIP
;
_entity_poly.pdbx_strand_id   A
#
loop_
_chem_comp.id
_chem_comp.type
_chem_comp.name
_chem_comp.formula
O9T non-polymer 2-(4-methylphenyl)-5,7-bis(oxidanyl)chromen-4-one 'C16 H12 O4'
#
# COMPACT_ATOMS: atom_id res chain seq x y z
N GLN A 12 -26.62 0.07 16.89
CA GLN A 12 -27.75 0.45 15.98
C GLN A 12 -27.87 -0.56 14.84
N ILE A 13 -26.75 -0.86 14.16
CA ILE A 13 -26.67 -1.80 13.05
C ILE A 13 -25.99 -3.10 13.50
N SER A 14 -26.38 -4.23 12.89
CA SER A 14 -26.15 -5.56 13.46
C SER A 14 -24.69 -6.02 13.36
N VAL A 15 -24.01 -5.67 12.26
CA VAL A 15 -22.65 -6.16 11.98
C VAL A 15 -21.63 -5.48 12.90
N ARG A 16 -22.08 -4.50 13.70
CA ARG A 16 -21.23 -3.78 14.64
C ARG A 16 -21.23 -4.46 16.02
N GLY A 17 -21.95 -5.58 16.16
CA GLY A 17 -21.91 -6.42 17.36
C GLY A 17 -22.99 -6.08 18.37
N LEU A 18 -23.01 -6.81 19.51
CA LEU A 18 -23.98 -6.64 20.57
C LEU A 18 -23.52 -5.54 21.54
N ALA A 19 -24.51 -4.80 22.08
CA ALA A 19 -24.25 -3.85 23.16
C ALA A 19 -24.95 -4.34 24.42
N GLY A 20 -24.35 -5.35 25.07
CA GLY A 20 -24.87 -5.94 26.29
C GLY A 20 -24.72 -5.00 27.49
N VAL A 21 -25.74 -5.01 28.38
CA VAL A 21 -25.79 -4.18 29.57
C VAL A 21 -24.49 -4.33 30.37
N GLU A 22 -23.96 -5.56 30.43
CA GLU A 22 -22.74 -5.86 31.17
C GLU A 22 -21.54 -5.20 30.50
N ASN A 23 -21.35 -5.49 29.20
CA ASN A 23 -20.26 -4.95 28.39
C ASN A 23 -20.18 -3.43 28.53
N VAL A 24 -21.33 -2.75 28.39
CA VAL A 24 -21.40 -1.30 28.32
C VAL A 24 -21.02 -0.71 29.67
N THR A 25 -21.57 -1.28 30.75
CA THR A 25 -21.27 -0.89 32.12
C THR A 25 -19.76 -1.00 32.36
N GLU A 26 -19.17 -2.11 31.91
CA GLU A 26 -17.76 -2.44 32.11
C GLU A 26 -16.87 -1.46 31.34
N LEU A 27 -17.24 -1.14 30.10
CA LEU A 27 -16.45 -0.26 29.25
C LEU A 27 -16.39 1.13 29.86
N LYS A 28 -17.52 1.61 30.36
CA LYS A 28 -17.65 2.93 30.96
C LYS A 28 -16.80 3.04 32.22
N LYS A 29 -16.79 1.97 33.02
CA LYS A 29 -16.03 1.91 34.26
C LYS A 29 -14.54 2.03 33.96
N ASN A 30 -14.09 1.35 32.90
CA ASN A 30 -12.69 1.27 32.52
C ASN A 30 -12.27 2.56 31.80
N PHE A 31 -13.21 3.20 31.10
CA PHE A 31 -13.00 4.50 30.48
C PHE A 31 -12.68 5.53 31.56
N ASN A 32 -13.51 5.56 32.60
CA ASN A 32 -13.37 6.49 33.72
C ASN A 32 -12.12 6.19 34.53
N ARG A 33 -11.72 4.91 34.56
CA ARG A 33 -10.52 4.49 35.26
C ARG A 33 -9.29 5.04 34.55
N HIS A 34 -9.22 4.84 33.21
CA HIS A 34 -8.08 5.28 32.42
C HIS A 34 -7.96 6.79 32.42
N LEU A 35 -9.09 7.51 32.35
CA LEU A 35 -9.11 8.95 32.38
C LEU A 35 -8.41 9.44 33.65
N HIS A 36 -8.76 8.83 34.78
CA HIS A 36 -8.23 9.15 36.10
C HIS A 36 -6.76 8.72 36.21
N PHE A 37 -6.52 7.41 36.13
CA PHE A 37 -5.22 6.85 36.50
C PHE A 37 -4.19 6.98 35.37
N THR A 38 -4.62 6.80 34.12
CA THR A 38 -3.71 6.77 32.99
C THR A 38 -3.41 8.19 32.50
N LEU A 39 -4.45 9.02 32.43
CA LEU A 39 -4.35 10.32 31.81
C LEU A 39 -4.26 11.43 32.85
N VAL A 40 -4.56 11.10 34.11
CA VAL A 40 -4.47 12.03 35.23
C VAL A 40 -5.30 13.27 34.89
N LYS A 41 -6.59 13.04 34.62
CA LYS A 41 -7.56 14.06 34.26
C LYS A 41 -8.90 13.75 34.94
N ASP A 42 -9.70 14.79 35.21
CA ASP A 42 -11.10 14.66 35.58
C ASP A 42 -11.96 15.22 34.45
N ARG A 43 -13.28 15.09 34.55
CA ARG A 43 -14.20 15.42 33.47
C ARG A 43 -14.15 16.93 33.16
N ASN A 44 -13.66 17.73 34.11
CA ASN A 44 -13.72 19.18 34.01
C ASN A 44 -12.59 19.73 33.14
N VAL A 45 -11.47 18.99 33.06
CA VAL A 45 -10.26 19.49 32.43
C VAL A 45 -9.93 18.71 31.16
N ALA A 46 -10.64 17.61 30.92
CA ALA A 46 -10.35 16.72 29.79
C ALA A 46 -10.68 17.38 28.45
N THR A 47 -9.77 17.20 27.48
CA THR A 47 -9.99 17.60 26.10
C THR A 47 -10.49 16.40 25.31
N PRO A 48 -11.08 16.59 24.11
CA PRO A 48 -11.45 15.45 23.26
C PRO A 48 -10.30 14.45 23.05
N ARG A 49 -9.05 14.93 23.07
CA ARG A 49 -7.89 14.08 22.88
C ARG A 49 -7.74 13.12 24.05
N ASP A 50 -7.98 13.62 25.26
CA ASP A 50 -7.99 12.80 26.46
C ASP A 50 -9.02 11.68 26.32
N TYR A 51 -10.21 12.03 25.82
CA TYR A 51 -11.31 11.09 25.67
C TYR A 51 -10.95 10.00 24.67
N TYR A 52 -10.30 10.38 23.56
CA TYR A 52 -9.82 9.40 22.58
C TYR A 52 -8.86 8.42 23.27
N PHE A 53 -7.92 8.97 24.04
CA PHE A 53 -6.89 8.17 24.70
C PHE A 53 -7.51 7.20 25.70
N ALA A 54 -8.52 7.67 26.45
CA ALA A 54 -9.18 6.85 27.45
C ALA A 54 -9.82 5.64 26.76
N LEU A 55 -10.52 5.89 25.65
CA LEU A 55 -11.16 4.85 24.87
C LEU A 55 -10.12 3.92 24.25
N ALA A 56 -9.03 4.49 23.71
CA ALA A 56 -7.98 3.68 23.10
C ALA A 56 -7.43 2.67 24.11
N HIS A 57 -7.11 3.15 25.32
CA HIS A 57 -6.58 2.32 26.40
C HIS A 57 -7.59 1.25 26.84
N THR A 58 -8.88 1.62 26.84
CA THR A 58 -9.97 0.75 27.25
C THR A 58 -10.11 -0.41 26.25
N VAL A 59 -10.01 -0.09 24.97
CA VAL A 59 -10.12 -1.07 23.90
C VAL A 59 -8.87 -1.94 23.87
N ARG A 60 -7.70 -1.31 24.08
CA ARG A 60 -6.43 -2.02 24.12
C ARG A 60 -6.47 -3.08 25.24
N ASP A 61 -7.19 -2.79 26.32
CA ASP A 61 -7.29 -3.70 27.44
C ASP A 61 -7.89 -5.04 27.02
N HIS A 62 -8.76 -5.02 25.99
CA HIS A 62 -9.42 -6.23 25.51
C HIS A 62 -8.50 -7.06 24.62
N LEU A 63 -7.41 -6.46 24.13
CA LEU A 63 -6.46 -7.12 23.25
C LEU A 63 -5.48 -7.99 24.06
N VAL A 64 -5.11 -7.51 25.25
CA VAL A 64 -3.96 -7.98 26.01
C VAL A 64 -4.04 -9.48 26.27
N GLY A 65 -5.16 -9.93 26.84
CA GLY A 65 -5.36 -11.34 27.16
C GLY A 65 -5.14 -12.22 25.93
N ARG A 66 -5.78 -11.84 24.82
CA ARG A 66 -5.74 -12.58 23.56
C ARG A 66 -4.33 -12.57 22.98
N TRP A 67 -3.65 -11.41 23.10
CA TRP A 67 -2.29 -11.22 22.62
C TRP A 67 -1.34 -12.18 23.34
N ILE A 68 -1.44 -12.24 24.67
CA ILE A 68 -0.59 -13.10 25.50
C ILE A 68 -0.87 -14.58 25.18
N ARG A 69 -2.15 -14.95 25.10
CA ARG A 69 -2.58 -16.31 24.83
C ARG A 69 -2.08 -16.80 23.47
N THR A 70 -2.15 -15.92 22.45
CA THR A 70 -1.80 -16.27 21.08
C THR A 70 -0.32 -16.60 20.97
N GLN A 71 0.52 -15.77 21.60
CA GLN A 71 1.97 -15.94 21.57
C GLN A 71 2.36 -17.16 22.38
N GLN A 72 1.67 -17.38 23.50
CA GLN A 72 1.78 -18.58 24.31
C GLN A 72 1.50 -19.80 23.45
N HIS A 73 0.37 -19.78 22.73
CA HIS A 73 -0.11 -20.87 21.90
C HIS A 73 0.93 -21.24 20.85
N TYR A 74 1.56 -20.23 20.24
CA TYR A 74 2.56 -20.44 19.19
C TYR A 74 3.83 -21.05 19.78
N TYR A 75 4.04 -20.88 21.10
CA TYR A 75 5.15 -21.51 21.79
C TYR A 75 4.82 -22.98 22.03
N GLU A 76 3.59 -23.25 22.47
CA GLU A 76 3.12 -24.61 22.75
C GLU A 76 3.24 -25.46 21.50
N LYS A 77 2.55 -25.03 20.44
CA LYS A 77 2.33 -25.83 19.25
C LYS A 77 3.54 -25.78 18.30
N ASP A 78 4.37 -24.75 18.45
CA ASP A 78 5.55 -24.55 17.62
C ASP A 78 5.20 -24.69 16.13
N PRO A 79 4.22 -23.92 15.59
CA PRO A 79 3.90 -24.02 14.16
C PRO A 79 5.02 -23.37 13.34
N LYS A 80 4.98 -23.57 12.03
CA LYS A 80 5.86 -22.84 11.13
C LYS A 80 5.51 -21.35 11.20
N ARG A 81 6.54 -20.50 11.32
CA ARG A 81 6.38 -19.06 11.50
C ARG A 81 6.60 -18.31 10.18
N ILE A 82 5.70 -17.37 9.87
CA ILE A 82 5.84 -16.51 8.70
C ILE A 82 6.38 -15.14 9.12
N TYR A 83 7.43 -14.70 8.44
CA TYR A 83 8.02 -13.39 8.68
C TYR A 83 7.84 -12.54 7.43
N TYR A 84 6.96 -11.54 7.54
CA TYR A 84 6.72 -10.59 6.46
C TYR A 84 7.66 -9.39 6.65
N LEU A 85 8.73 -9.35 5.85
CA LEU A 85 9.68 -8.25 5.89
C LEU A 85 9.26 -7.18 4.89
N SER A 86 8.99 -5.98 5.42
CA SER A 86 8.65 -4.83 4.60
C SER A 86 9.26 -3.59 5.24
N LEU A 87 9.63 -2.60 4.43
CA LEU A 87 10.08 -1.33 4.98
C LEU A 87 8.91 -0.38 5.13
N GLU A 88 7.72 -0.87 4.76
CA GLU A 88 6.51 -0.06 4.79
C GLU A 88 5.35 -0.89 5.35
N PHE A 89 4.64 -0.33 6.34
CA PHE A 89 3.35 -0.81 6.81
C PHE A 89 2.41 0.39 6.91
N TYR A 90 1.53 0.54 5.92
CA TYR A 90 0.58 1.65 5.84
C TYR A 90 -0.68 1.26 6.61
N MET A 91 -0.63 1.43 7.94
CA MET A 91 -1.60 0.86 8.85
C MET A 91 -2.87 1.71 8.96
N GLY A 92 -2.71 3.05 8.84
CA GLY A 92 -3.79 3.96 9.13
C GLY A 92 -4.12 3.98 10.62
N ARG A 93 -5.40 4.18 10.96
CA ARG A 93 -5.83 4.23 12.35
C ARG A 93 -6.10 2.81 12.84
N THR A 94 -6.00 2.61 14.17
CA THR A 94 -6.03 1.30 14.80
C THR A 94 -7.33 1.10 15.59
N LEU A 95 -7.90 2.19 16.12
CA LEU A 95 -8.99 2.11 17.10
C LEU A 95 -10.22 1.39 16.53
N GLN A 96 -10.81 1.93 15.46
CA GLN A 96 -12.03 1.38 14.89
C GLN A 96 -11.79 -0.05 14.43
N ASN A 97 -10.63 -0.28 13.80
CA ASN A 97 -10.27 -1.61 13.30
C ASN A 97 -10.25 -2.62 14.43
N THR A 98 -9.62 -2.24 15.55
CA THR A 98 -9.55 -3.07 16.75
C THR A 98 -10.97 -3.37 17.24
N MET A 99 -11.81 -2.35 17.33
CA MET A 99 -13.18 -2.50 17.78
C MET A 99 -13.94 -3.46 16.87
N VAL A 100 -13.76 -3.29 15.55
CA VAL A 100 -14.42 -4.12 14.56
C VAL A 100 -14.08 -5.59 14.80
N ASN A 101 -12.77 -5.89 14.93
CA ASN A 101 -12.28 -7.26 14.96
C ASN A 101 -12.61 -7.95 16.30
N LEU A 102 -12.94 -7.15 17.32
CA LEU A 102 -13.21 -7.64 18.67
C LEU A 102 -14.71 -7.60 18.95
N ALA A 103 -15.50 -7.06 18.01
CA ALA A 103 -16.96 -7.00 18.08
C ALA A 103 -17.42 -5.99 19.14
N LEU A 104 -16.63 -4.95 19.38
CA LEU A 104 -16.84 -4.02 20.48
C LEU A 104 -17.46 -2.70 20.02
N GLU A 105 -17.69 -2.56 18.71
CA GLU A 105 -18.01 -1.27 18.13
C GLU A 105 -19.29 -0.67 18.73
N ASN A 106 -20.38 -1.44 18.72
CA ASN A 106 -21.67 -0.95 19.20
C ASN A 106 -21.61 -0.71 20.70
N ALA A 107 -20.95 -1.63 21.44
CA ALA A 107 -20.81 -1.54 22.88
C ALA A 107 -20.05 -0.26 23.25
N CYS A 108 -18.98 0.03 22.49
CA CYS A 108 -18.19 1.24 22.72
C CYS A 108 -18.97 2.48 22.30
N ASP A 109 -19.77 2.37 21.23
CA ASP A 109 -20.63 3.46 20.80
C ASP A 109 -21.62 3.81 21.91
N GLU A 110 -22.23 2.77 22.49
CA GLU A 110 -23.22 2.90 23.54
C GLU A 110 -22.58 3.46 24.81
N ALA A 111 -21.41 2.90 25.18
CA ALA A 111 -20.72 3.27 26.41
C ALA A 111 -20.36 4.75 26.38
N THR A 112 -19.79 5.20 25.25
CA THR A 112 -19.34 6.57 25.08
C THR A 112 -20.55 7.51 25.03
N TYR A 113 -21.60 7.11 24.30
CA TYR A 113 -22.84 7.86 24.19
C TYR A 113 -23.37 8.23 25.57
N GLN A 114 -23.39 7.25 26.50
CA GLN A 114 -23.91 7.39 27.84
C GLN A 114 -23.02 8.32 28.68
N LEU A 115 -21.74 8.46 28.27
CA LEU A 115 -20.79 9.36 28.89
C LEU A 115 -20.89 10.75 28.24
N GLY A 116 -21.80 10.87 27.27
CA GLY A 116 -22.09 12.12 26.59
C GLY A 116 -21.05 12.47 25.53
N LEU A 117 -20.49 11.45 24.87
CA LEU A 117 -19.45 11.65 23.88
C LEU A 117 -19.86 10.98 22.57
N ASP A 118 -19.41 11.55 21.44
CA ASP A 118 -19.60 10.95 20.12
C ASP A 118 -18.32 10.20 19.74
N MET A 119 -18.43 8.88 19.59
CA MET A 119 -17.29 8.03 19.28
C MET A 119 -16.67 8.44 17.95
N GLU A 120 -17.51 8.83 16.98
CA GLU A 120 -17.05 9.21 15.65
C GLU A 120 -16.06 10.37 15.73
N GLU A 121 -16.37 11.34 16.60
CA GLU A 121 -15.56 12.52 16.85
C GLU A 121 -14.22 12.14 17.49
N LEU A 122 -14.26 11.12 18.38
CA LEU A 122 -13.07 10.67 19.09
C LEU A 122 -12.14 9.91 18.14
N GLU A 123 -12.74 9.12 17.23
CA GLU A 123 -12.04 8.33 16.24
C GLU A 123 -11.19 9.24 15.35
N GLU A 124 -11.73 10.42 15.03
CA GLU A 124 -11.13 11.39 14.13
C GLU A 124 -9.87 12.02 14.73
N ILE A 125 -9.67 11.87 16.05
CA ILE A 125 -8.55 12.49 16.75
C ILE A 125 -7.29 11.65 16.55
N GLU A 126 -7.45 10.37 16.23
CA GLU A 126 -6.34 9.45 16.06
C GLU A 126 -5.56 9.77 14.79
N GLU A 127 -4.22 9.83 14.92
CA GLU A 127 -3.31 9.99 13.79
C GLU A 127 -3.22 8.67 13.04
N ASP A 128 -3.09 8.76 11.71
CA ASP A 128 -2.73 7.61 10.88
C ASP A 128 -1.29 7.21 11.16
N ALA A 129 -1.07 5.91 11.35
CA ALA A 129 0.27 5.35 11.23
C ALA A 129 0.61 5.27 9.73
N GLY A 130 1.11 6.38 9.18
CA GLY A 130 1.40 6.47 7.76
C GLY A 130 2.83 6.03 7.44
N LEU A 131 3.15 4.79 7.82
CA LEU A 131 4.50 4.26 7.66
C LEU A 131 4.61 3.57 6.30
N GLY A 132 4.05 4.22 5.27
CA GLY A 132 4.03 3.68 3.91
C GLY A 132 3.74 4.75 2.87
N ASN A 133 4.03 4.43 1.60
CA ASN A 133 3.88 5.37 0.50
C ASN A 133 2.53 5.20 -0.18
N GLY A 134 2.18 3.94 -0.48
CA GLY A 134 0.99 3.62 -1.27
C GLY A 134 0.72 2.13 -1.29
N GLY A 135 0.61 1.58 -2.52
CA GLY A 135 0.11 0.23 -2.74
C GLY A 135 0.87 -0.82 -1.94
N LEU A 136 2.20 -0.81 -2.08
CA LEU A 136 3.12 -1.75 -1.47
C LEU A 136 2.95 -1.73 0.06
N GLY A 137 2.89 -0.52 0.63
CA GLY A 137 2.75 -0.36 2.06
C GLY A 137 1.41 -0.85 2.58
N ARG A 138 0.33 -0.53 1.85
CA ARG A 138 -1.03 -0.86 2.24
C ARG A 138 -1.25 -2.37 2.12
N LEU A 139 -0.53 -3.00 1.17
CA LEU A 139 -0.65 -4.43 0.95
C LEU A 139 -0.14 -5.18 2.17
N ALA A 140 0.96 -4.67 2.74
CA ALA A 140 1.54 -5.21 3.95
C ALA A 140 0.49 -5.18 5.07
N ALA A 141 -0.21 -4.05 5.20
CA ALA A 141 -1.18 -3.83 6.25
C ALA A 141 -2.35 -4.82 6.12
N CYS A 142 -2.89 -4.93 4.90
CA CYS A 142 -4.01 -5.81 4.61
C CYS A 142 -3.62 -7.26 4.88
N PHE A 143 -2.38 -7.61 4.52
CA PHE A 143 -1.82 -8.94 4.69
C PHE A 143 -1.77 -9.34 6.17
N LEU A 144 -1.35 -8.41 7.03
CA LEU A 144 -1.25 -8.65 8.47
C LEU A 144 -2.62 -9.00 9.03
N ASP A 145 -3.63 -8.22 8.63
CA ASP A 145 -5.01 -8.41 9.03
C ASP A 145 -5.49 -9.81 8.61
N SER A 146 -5.19 -10.17 7.35
CA SER A 146 -5.63 -11.44 6.79
C SER A 146 -4.92 -12.61 7.44
N MET A 147 -3.61 -12.44 7.73
CA MET A 147 -2.81 -13.49 8.32
C MET A 147 -3.28 -13.79 9.75
N ALA A 148 -3.71 -12.75 10.48
CA ALA A 148 -4.29 -12.91 11.80
C ALA A 148 -5.65 -13.59 11.69
N THR A 149 -6.45 -13.17 10.70
CA THR A 149 -7.79 -13.68 10.46
C THR A 149 -7.74 -15.16 10.07
N LEU A 150 -6.64 -15.57 9.40
CA LEU A 150 -6.51 -16.93 8.90
C LEU A 150 -5.66 -17.78 9.84
N GLY A 151 -5.40 -17.26 11.06
CA GLY A 151 -4.82 -18.02 12.16
C GLY A 151 -3.39 -18.48 11.90
N LEU A 152 -2.63 -17.66 11.14
CA LEU A 152 -1.25 -17.98 10.80
C LEU A 152 -0.33 -17.39 11.87
N ALA A 153 0.74 -18.13 12.21
CA ALA A 153 1.73 -17.64 13.15
C ALA A 153 2.67 -16.68 12.41
N ALA A 154 2.18 -15.45 12.21
CA ALA A 154 2.80 -14.50 11.28
C ALA A 154 3.22 -13.25 12.05
N TYR A 155 4.34 -12.67 11.61
CA TYR A 155 4.93 -11.50 12.23
C TYR A 155 5.29 -10.48 11.15
N GLY A 156 4.77 -9.26 11.28
CA GLY A 156 5.23 -8.15 10.48
C GLY A 156 6.47 -7.54 11.11
N TYR A 157 7.53 -7.39 10.30
CA TYR A 157 8.79 -6.82 10.73
C TYR A 157 9.12 -5.61 9.85
N GLY A 158 9.40 -4.47 10.49
CA GLY A 158 9.70 -3.22 9.79
C GLY A 158 10.41 -2.22 10.69
N ILE A 159 10.35 -0.94 10.30
CA ILE A 159 11.01 0.15 10.99
C ILE A 159 9.94 1.07 11.59
N ARG A 160 10.13 1.43 12.86
CA ARG A 160 9.31 2.43 13.52
C ARG A 160 9.86 3.81 13.14
N TYR A 161 9.41 4.35 12.01
CA TYR A 161 9.84 5.68 11.60
C TYR A 161 9.23 6.70 12.57
N GLU A 162 10.07 7.64 13.02
CA GLU A 162 9.61 8.74 13.86
C GLU A 162 8.63 9.59 13.06
N PHE A 163 8.91 9.74 11.75
CA PHE A 163 8.09 10.49 10.82
C PHE A 163 7.73 9.62 9.62
N GLY A 164 6.43 9.49 9.35
CA GLY A 164 5.91 8.72 8.23
C GLY A 164 5.80 9.58 6.97
N ILE A 165 4.94 9.17 6.03
CA ILE A 165 4.75 9.93 4.81
C ILE A 165 4.31 11.35 5.19
N PHE A 166 4.97 12.35 4.60
CA PHE A 166 4.73 13.76 4.91
C PHE A 166 3.23 14.09 4.81
N ASN A 167 2.78 15.03 5.63
CA ASN A 167 1.47 15.63 5.48
C ASN A 167 1.54 16.61 4.32
N GLN A 168 0.56 16.52 3.39
CA GLN A 168 0.49 17.35 2.20
C GLN A 168 -0.44 18.54 2.41
N LYS A 169 0.11 19.76 2.30
CA LYS A 169 -0.66 21.00 2.22
C LYS A 169 -0.64 21.52 0.79
N ILE A 170 -1.74 22.13 0.33
CA ILE A 170 -1.76 22.86 -0.91
C ILE A 170 -1.69 24.36 -0.61
N CYS A 171 -0.71 25.03 -1.22
CA CYS A 171 -0.47 26.45 -1.05
C CYS A 171 -0.32 27.07 -2.43
N GLY A 172 -1.28 27.94 -2.80
CA GLY A 172 -1.33 28.55 -4.12
C GLY A 172 -1.40 27.51 -5.23
N GLY A 173 -2.03 26.36 -4.93
CA GLY A 173 -2.18 25.28 -5.87
C GLY A 173 -0.98 24.32 -5.92
N TRP A 174 0.07 24.62 -5.14
CA TRP A 174 1.28 23.80 -5.09
C TRP A 174 1.26 22.92 -3.84
N GLN A 175 1.80 21.69 -3.98
CA GLN A 175 2.06 20.81 -2.85
C GLN A 175 3.18 21.39 -1.98
N MET A 176 2.94 21.43 -0.67
CA MET A 176 3.97 21.68 0.33
C MET A 176 3.99 20.47 1.28
N GLU A 177 5.19 20.10 1.74
CA GLU A 177 5.36 18.95 2.63
C GLU A 177 5.58 19.42 4.06
N GLU A 178 4.87 18.80 5.01
CA GLU A 178 5.06 18.98 6.44
C GLU A 178 5.41 17.64 7.07
N ALA A 179 6.29 17.67 8.07
CA ALA A 179 6.70 16.50 8.82
C ALA A 179 5.49 15.87 9.50
N ASP A 180 5.32 14.56 9.29
CA ASP A 180 4.28 13.77 9.92
C ASP A 180 4.76 13.34 11.30
N ASP A 181 4.55 14.19 12.30
CA ASP A 181 4.97 13.95 13.68
C ASP A 181 3.89 13.16 14.39
N TRP A 182 3.71 11.88 13.99
CA TRP A 182 2.58 11.05 14.38
C TRP A 182 2.67 10.58 15.84
N LEU A 183 3.88 10.65 16.44
CA LEU A 183 4.11 10.13 17.78
C LEU A 183 4.11 11.24 18.85
N ARG A 184 3.82 12.48 18.42
CA ARG A 184 3.85 13.67 19.27
C ARG A 184 3.11 13.43 20.59
N TYR A 185 1.86 12.94 20.47
CA TYR A 185 0.91 12.80 21.58
C TYR A 185 1.00 11.41 22.20
N GLY A 186 1.90 10.57 21.67
CA GLY A 186 2.03 9.20 22.12
C GLY A 186 1.25 8.22 21.23
N ASN A 187 1.69 6.96 21.22
CA ASN A 187 1.04 5.87 20.51
C ASN A 187 0.61 4.82 21.53
N PRO A 188 -0.70 4.69 21.81
CA PRO A 188 -1.17 3.77 22.85
C PRO A 188 -1.19 2.31 22.41
N TRP A 189 -0.93 2.06 21.13
CA TRP A 189 -1.09 0.75 20.53
C TRP A 189 0.22 -0.05 20.63
N GLU A 190 1.35 0.65 20.66
CA GLU A 190 2.66 0.00 20.71
C GLU A 190 3.04 -0.33 22.15
N LYS A 191 3.90 -1.35 22.29
CA LYS A 191 4.61 -1.66 23.53
C LYS A 191 6.09 -1.84 23.23
N ALA A 192 6.90 -0.96 23.82
CA ALA A 192 8.36 -1.04 23.75
C ALA A 192 8.83 -2.32 24.42
N ARG A 193 9.83 -2.97 23.83
CA ARG A 193 10.44 -4.18 24.38
C ARG A 193 11.95 -3.99 24.48
N PRO A 194 12.44 -3.08 25.35
CA PRO A 194 13.89 -2.79 25.42
C PRO A 194 14.75 -4.00 25.74
N GLU A 195 14.15 -5.02 26.36
CA GLU A 195 14.83 -6.23 26.77
C GLU A 195 15.19 -7.09 25.55
N PHE A 196 14.56 -6.79 24.41
CA PHE A 196 14.80 -7.53 23.18
C PHE A 196 15.68 -6.71 22.23
N THR A 197 16.37 -5.70 22.76
CA THR A 197 17.28 -4.86 21.99
C THR A 197 18.45 -5.68 21.46
N LEU A 198 18.85 -5.38 20.21
CA LEU A 198 19.84 -6.17 19.48
C LEU A 198 20.82 -5.23 18.79
N PRO A 199 22.12 -5.60 18.70
CA PRO A 199 23.11 -4.81 17.95
C PRO A 199 23.03 -5.07 16.45
N VAL A 200 23.16 -3.99 15.67
CA VAL A 200 23.32 -4.03 14.22
C VAL A 200 24.67 -3.38 13.90
N HIS A 201 25.44 -4.00 12.98
CA HIS A 201 26.79 -3.57 12.67
C HIS A 201 26.86 -2.89 11.30
N PHE A 202 27.75 -1.90 11.18
CA PHE A 202 27.99 -1.17 9.95
C PHE A 202 29.50 -0.91 9.79
N TYR A 203 29.90 -0.67 8.53
CA TYR A 203 31.28 -0.33 8.17
C TYR A 203 32.18 -1.50 8.51
N GLY A 204 33.29 -1.22 9.20
CA GLY A 204 34.28 -2.25 9.51
C GLY A 204 35.00 -2.76 8.26
N ARG A 205 35.62 -3.94 8.40
CA ARG A 205 36.40 -4.57 7.35
C ARG A 205 36.37 -6.07 7.58
N VAL A 206 36.76 -6.85 6.57
CA VAL A 206 36.77 -8.31 6.65
C VAL A 206 38.20 -8.79 6.90
N GLU A 207 38.31 -9.76 7.82
CA GLU A 207 39.56 -10.38 8.23
C GLU A 207 39.42 -11.88 7.96
N HIS A 208 40.34 -12.45 7.18
CA HIS A 208 40.31 -13.87 6.84
C HIS A 208 41.29 -14.63 7.73
N THR A 209 40.74 -15.45 8.65
CA THR A 209 41.51 -16.22 9.63
C THR A 209 41.63 -17.67 9.17
N SER A 210 42.13 -18.53 10.07
CA SER A 210 42.18 -19.97 9.86
C SER A 210 40.76 -20.55 9.85
N GLN A 211 39.90 -19.97 10.69
CA GLN A 211 38.55 -20.44 10.93
C GLN A 211 37.53 -19.54 10.23
N GLY A 212 37.80 -19.18 8.97
CA GLY A 212 36.86 -18.46 8.12
C GLY A 212 36.99 -16.94 8.23
N ALA A 213 36.05 -16.22 7.59
CA ALA A 213 36.03 -14.77 7.53
C ALA A 213 35.40 -14.17 8.80
N LYS A 214 35.92 -13.01 9.22
CA LYS A 214 35.49 -12.30 10.42
C LYS A 214 35.29 -10.83 10.11
N TRP A 215 34.08 -10.32 10.40
CA TRP A 215 33.72 -8.92 10.24
C TRP A 215 34.06 -8.18 11.54
N VAL A 216 34.97 -7.18 11.46
CA VAL A 216 35.55 -6.52 12.63
C VAL A 216 35.59 -5.00 12.42
N ASP A 217 35.93 -4.27 13.50
CA ASP A 217 36.03 -2.81 13.56
C ASP A 217 34.74 -2.15 13.06
N THR A 218 33.58 -2.69 13.47
CA THR A 218 32.29 -2.21 13.00
C THR A 218 31.79 -1.10 13.92
N GLN A 219 30.88 -0.26 13.40
CA GLN A 219 30.11 0.66 14.22
C GLN A 219 28.79 -0.01 14.58
N VAL A 220 28.44 0.04 15.87
CA VAL A 220 27.25 -0.61 16.40
C VAL A 220 26.12 0.41 16.51
N VAL A 221 24.96 0.06 15.96
CA VAL A 221 23.70 0.70 16.28
C VAL A 221 22.83 -0.35 16.95
N LEU A 222 22.06 0.07 17.97
CA LEU A 222 21.14 -0.84 18.63
C LEU A 222 19.78 -0.74 17.95
N ALA A 223 19.07 -1.88 17.90
CA ALA A 223 17.71 -1.94 17.39
C ALA A 223 16.78 -2.30 18.54
N MET A 224 15.87 -1.37 18.87
CA MET A 224 14.93 -1.59 19.95
C MET A 224 13.55 -1.88 19.35
N PRO A 225 12.93 -3.04 19.66
CA PRO A 225 11.64 -3.39 19.07
C PRO A 225 10.45 -2.75 19.80
N TYR A 226 9.44 -2.34 19.03
CA TYR A 226 8.13 -1.96 19.52
C TYR A 226 7.10 -2.92 18.92
N ASP A 227 6.27 -3.52 19.79
CA ASP A 227 5.28 -4.50 19.37
C ASP A 227 3.91 -3.84 19.27
N THR A 228 3.22 -4.08 18.15
CA THR A 228 1.86 -3.62 17.94
C THR A 228 0.97 -4.84 17.68
N PRO A 229 -0.19 -4.95 18.36
CA PRO A 229 -1.09 -6.08 18.17
C PRO A 229 -1.81 -6.01 16.82
N VAL A 230 -1.94 -7.17 16.17
CA VAL A 230 -2.69 -7.34 14.93
C VAL A 230 -3.82 -8.33 15.22
N PRO A 231 -5.05 -7.83 15.54
CA PRO A 231 -6.17 -8.72 15.85
C PRO A 231 -6.75 -9.34 14.58
N GLY A 232 -6.98 -10.65 14.62
CA GLY A 232 -7.78 -11.32 13.59
C GLY A 232 -9.25 -10.98 13.75
N TYR A 233 -10.05 -11.23 12.70
CA TYR A 233 -11.47 -10.93 12.72
C TYR A 233 -12.22 -11.96 13.57
N ARG A 234 -12.51 -11.58 14.81
CA ARG A 234 -13.43 -12.31 15.67
C ARG A 234 -12.98 -13.75 15.93
N ASN A 235 -11.66 -14.02 15.84
CA ASN A 235 -11.18 -15.37 16.07
C ASN A 235 -10.35 -15.44 17.34
N ASN A 236 -10.18 -14.29 18.02
CA ASN A 236 -9.43 -14.16 19.25
C ASN A 236 -7.93 -14.36 19.00
N VAL A 237 -7.48 -14.27 17.74
CA VAL A 237 -6.06 -14.31 17.44
C VAL A 237 -5.52 -12.88 17.39
N VAL A 238 -4.38 -12.67 18.02
CA VAL A 238 -3.66 -11.40 17.98
C VAL A 238 -2.19 -11.68 17.65
N ASN A 239 -1.79 -11.35 16.42
CA ASN A 239 -0.41 -11.50 15.95
C ASN A 239 0.34 -10.21 16.27
N THR A 240 1.64 -10.18 15.94
CA THR A 240 2.51 -9.06 16.29
C THR A 240 3.10 -8.40 15.06
N MET A 241 3.07 -7.07 15.04
CA MET A 241 3.91 -6.26 14.19
C MET A 241 5.03 -5.69 15.07
N ARG A 242 6.28 -6.08 14.76
CA ARG A 242 7.47 -5.63 15.47
C ARG A 242 8.22 -4.64 14.59
N LEU A 243 8.33 -3.40 15.08
CA LEU A 243 9.02 -2.34 14.36
C LEU A 243 10.23 -1.91 15.18
N TRP A 244 11.37 -1.75 14.48
CA TRP A 244 12.65 -1.49 15.12
C TRP A 244 12.92 0.01 15.13
N SER A 245 13.43 0.48 16.27
CA SER A 245 13.87 1.85 16.44
C SER A 245 15.38 1.85 16.63
N ALA A 246 16.06 2.86 16.06
CA ALA A 246 17.50 3.00 16.19
C ALA A 246 17.85 3.74 17.48
N LYS A 247 18.76 3.16 18.26
CA LYS A 247 19.24 3.74 19.51
C LYS A 247 20.76 3.62 19.53
N ALA A 248 21.44 4.72 19.90
CA ALA A 248 22.89 4.71 19.97
C ALA A 248 23.34 3.95 21.22
N PRO A 249 24.48 3.22 21.19
CA PRO A 249 25.05 2.63 22.40
C PRO A 249 25.61 3.70 23.35
N ASN A 250 25.80 3.34 24.62
CA ASN A 250 26.10 4.33 25.66
C ASN A 250 27.57 4.77 25.60
N ASP A 251 28.42 3.93 25.00
CA ASP A 251 29.83 4.24 24.82
C ASP A 251 30.06 5.01 23.52
N PHE A 252 28.97 5.21 22.74
CA PHE A 252 29.01 5.85 21.42
C PHE A 252 29.62 7.25 21.52
N ASN A 253 30.68 7.46 20.74
CA ASN A 253 31.46 8.69 20.68
C ASN A 253 32.14 8.97 22.01
N LEU A 254 32.18 7.95 22.90
CA LEU A 254 32.64 8.12 24.28
C LEU A 254 33.56 6.94 24.65
N GLY A 261 34.03 18.06 22.58
CA GLY A 261 34.31 17.01 23.58
C GLY A 261 33.05 16.25 23.97
N TYR A 262 32.75 16.25 25.28
CA TYR A 262 31.68 15.47 25.87
C TYR A 262 30.31 15.83 25.28
N ILE A 263 29.98 17.12 25.26
CA ILE A 263 28.67 17.60 24.85
C ILE A 263 28.38 17.13 23.42
N GLN A 264 29.34 17.37 22.52
CA GLN A 264 29.21 17.04 21.10
C GLN A 264 28.99 15.54 20.93
N ALA A 265 29.70 14.74 21.73
CA ALA A 265 29.59 13.29 21.69
C ALA A 265 28.14 12.86 21.95
N VAL A 266 27.53 13.45 22.98
CA VAL A 266 26.15 13.18 23.33
C VAL A 266 25.25 13.60 22.17
N LEU A 267 25.49 14.80 21.62
CA LEU A 267 24.66 15.33 20.55
C LEU A 267 24.76 14.45 19.30
N ASP A 268 25.92 13.81 19.09
CA ASP A 268 26.19 13.08 17.86
C ASP A 268 25.55 11.70 17.87
N ARG A 269 24.90 11.33 18.99
CA ARG A 269 24.11 10.10 19.05
C ARG A 269 23.00 10.15 18.01
N ASN A 270 22.61 11.36 17.61
CA ASN A 270 21.57 11.62 16.63
C ASN A 270 21.93 11.00 15.28
N LEU A 271 23.21 11.07 14.92
CA LEU A 271 23.71 10.46 13.69
C LEU A 271 23.15 9.05 13.57
N ALA A 272 23.36 8.23 14.62
CA ALA A 272 23.02 6.81 14.62
C ALA A 272 21.51 6.62 14.61
N GLU A 273 20.79 7.51 15.31
CA GLU A 273 19.37 7.35 15.52
C GLU A 273 18.58 7.84 14.31
N ASN A 274 19.27 8.54 13.38
CA ASN A 274 18.68 9.04 12.15
C ASN A 274 18.16 7.90 11.28
N ILE A 275 18.71 6.68 11.50
CA ILE A 275 18.37 5.51 10.70
C ILE A 275 16.86 5.26 10.71
N SER A 276 16.23 5.38 11.88
CA SER A 276 14.80 5.13 11.99
C SER A 276 13.99 6.43 12.01
N ARG A 277 14.59 7.53 11.53
CA ARG A 277 13.98 8.84 11.70
C ARG A 277 12.79 9.05 10.75
N VAL A 278 12.98 8.74 9.45
CA VAL A 278 12.02 9.19 8.44
C VAL A 278 11.88 8.17 7.31
N LEU A 279 10.63 7.96 6.88
CA LEU A 279 10.30 7.12 5.73
C LEU A 279 10.64 7.88 4.45
N TYR A 280 11.39 7.23 3.54
CA TYR A 280 11.65 7.80 2.22
C TYR A 280 10.33 7.88 1.44
N PRO A 281 9.91 9.09 1.02
CA PRO A 281 8.57 9.29 0.45
C PRO A 281 8.45 9.09 -1.07
N ASN A 282 9.22 8.13 -1.62
CA ASN A 282 9.20 7.82 -3.04
C ASN A 282 8.32 6.60 -3.30
N ASP A 283 7.41 6.73 -4.26
CA ASP A 283 6.54 5.65 -4.70
C ASP A 283 7.07 5.15 -6.05
N ASN A 284 7.36 3.84 -6.14
CA ASN A 284 7.90 3.24 -7.35
C ASN A 284 9.02 4.11 -7.93
N PHE A 285 10.03 4.43 -7.10
CA PHE A 285 11.23 5.13 -7.54
C PHE A 285 12.39 4.78 -6.59
N PHE A 286 13.55 4.47 -7.19
CA PHE A 286 14.77 4.16 -6.46
C PHE A 286 15.63 5.41 -6.32
N GLU A 287 15.99 5.74 -5.08
CA GLU A 287 16.94 6.79 -4.76
C GLU A 287 18.11 6.13 -4.03
N GLY A 288 19.29 6.13 -4.64
CA GLY A 288 20.44 5.38 -4.14
C GLY A 288 21.22 6.13 -3.06
N LYS A 289 20.57 6.32 -1.90
CA LYS A 289 21.14 7.10 -0.81
C LYS A 289 21.59 6.17 0.31
N GLU A 290 22.69 6.53 0.98
CA GLU A 290 23.31 5.70 2.00
C GLU A 290 22.34 5.46 3.15
N LEU A 291 21.66 6.52 3.58
CA LEU A 291 20.74 6.43 4.70
C LEU A 291 19.67 5.36 4.42
N ARG A 292 19.28 5.22 3.14
CA ARG A 292 18.28 4.25 2.72
C ARG A 292 18.82 2.83 2.86
N LEU A 293 20.07 2.62 2.47
CA LEU A 293 20.69 1.30 2.56
C LEU A 293 20.81 0.90 4.04
N LYS A 294 21.09 1.88 4.91
CA LYS A 294 21.23 1.65 6.34
C LYS A 294 19.90 1.17 6.92
N GLN A 295 18.80 1.74 6.42
CA GLN A 295 17.46 1.36 6.86
C GLN A 295 17.19 -0.07 6.45
N GLU A 296 17.62 -0.43 5.23
CA GLU A 296 17.40 -1.75 4.67
C GLU A 296 18.21 -2.79 5.44
N TYR A 297 19.47 -2.49 5.77
CA TYR A 297 20.25 -3.45 6.52
C TYR A 297 19.72 -3.56 7.96
N PHE A 298 19.42 -2.41 8.57
CA PHE A 298 18.98 -2.30 9.95
C PHE A 298 17.80 -3.24 10.23
N VAL A 299 16.77 -3.20 9.37
CA VAL A 299 15.56 -3.97 9.59
C VAL A 299 15.86 -5.46 9.39
N VAL A 300 16.75 -5.75 8.44
CA VAL A 300 17.08 -7.11 8.05
C VAL A 300 17.93 -7.78 9.14
N ALA A 301 18.96 -7.07 9.61
CA ALA A 301 19.88 -7.56 10.62
C ALA A 301 19.16 -7.86 11.94
N ALA A 302 18.36 -6.89 12.40
CA ALA A 302 17.66 -7.02 13.67
C ALA A 302 16.63 -8.15 13.60
N THR A 303 15.94 -8.26 12.46
CA THR A 303 14.88 -9.25 12.26
C THR A 303 15.46 -10.66 12.24
N LEU A 304 16.54 -10.87 11.48
CA LEU A 304 17.10 -12.21 11.31
C LEU A 304 17.65 -12.75 12.63
N GLN A 305 18.21 -11.87 13.45
CA GLN A 305 18.71 -12.25 14.76
C GLN A 305 17.54 -12.75 15.61
N ASP A 306 16.43 -12.02 15.54
CA ASP A 306 15.22 -12.29 16.30
C ASP A 306 14.61 -13.61 15.83
N ILE A 307 14.57 -13.82 14.50
CA ILE A 307 14.03 -15.03 13.91
C ILE A 307 14.83 -16.23 14.42
N ILE A 308 16.16 -16.12 14.36
CA ILE A 308 17.07 -17.21 14.68
C ILE A 308 16.96 -17.53 16.18
N ARG A 309 16.81 -16.51 17.02
CA ARG A 309 16.64 -16.68 18.45
C ARG A 309 15.38 -17.47 18.76
N ARG A 310 14.26 -17.09 18.13
CA ARG A 310 12.99 -17.77 18.31
C ARG A 310 13.11 -19.23 17.88
N PHE A 311 13.81 -19.46 16.76
CA PHE A 311 14.02 -20.78 16.17
C PHE A 311 14.81 -21.68 17.12
N LYS A 312 15.85 -21.13 17.75
CA LYS A 312 16.75 -21.90 18.59
C LYS A 312 16.06 -22.33 19.89
N SER A 313 14.94 -21.67 20.20
CA SER A 313 14.14 -21.96 21.39
C SER A 313 12.94 -22.83 21.03
N SER A 314 13.13 -23.72 20.05
CA SER A 314 12.09 -24.63 19.57
C SER A 314 11.78 -25.69 20.63
N ASN A 325 20.12 -29.85 12.20
CA ASN A 325 19.95 -28.71 13.14
C ASN A 325 19.30 -27.54 12.40
N PHE A 326 20.09 -26.91 11.52
CA PHE A 326 19.59 -25.84 10.66
C PHE A 326 18.90 -26.45 9.44
N ASP A 327 19.01 -27.78 9.30
CA ASP A 327 18.27 -28.56 8.33
C ASP A 327 16.77 -28.23 8.41
N ALA A 328 16.29 -28.01 9.63
CA ALA A 328 14.88 -27.86 9.93
C ALA A 328 14.42 -26.40 9.85
N PHE A 329 15.38 -25.47 9.66
CA PHE A 329 15.09 -24.04 9.64
C PHE A 329 13.94 -23.73 8.69
N PRO A 330 13.97 -24.19 7.40
CA PRO A 330 12.92 -23.87 6.44
C PRO A 330 11.58 -24.55 6.72
N ASP A 331 11.59 -25.56 7.60
CA ASP A 331 10.37 -26.22 8.03
C ASP A 331 9.71 -25.42 9.15
N LYS A 332 10.46 -24.48 9.74
CA LYS A 332 10.01 -23.71 10.88
C LYS A 332 9.93 -22.22 10.56
N VAL A 333 10.57 -21.80 9.45
CA VAL A 333 10.69 -20.39 9.10
C VAL A 333 10.36 -20.18 7.62
N ALA A 334 9.45 -19.24 7.35
CA ALA A 334 9.30 -18.61 6.04
C ALA A 334 9.58 -17.11 6.18
N ILE A 335 10.35 -16.55 5.24
CA ILE A 335 10.61 -15.12 5.16
C ILE A 335 10.11 -14.61 3.81
N GLN A 336 9.09 -13.74 3.84
CA GLN A 336 8.58 -13.10 2.64
C GLN A 336 9.23 -11.73 2.49
N LEU A 337 9.87 -11.48 1.34
CA LEU A 337 10.47 -10.19 1.05
C LEU A 337 9.46 -9.35 0.24
N ASN A 338 9.00 -8.26 0.85
CA ASN A 338 8.10 -7.29 0.20
C ASN A 338 8.93 -6.38 -0.69
N ASP A 339 9.04 -6.72 -1.98
CA ASP A 339 9.93 -6.06 -2.93
C ASP A 339 11.38 -6.35 -2.53
N THR A 340 12.33 -5.65 -3.17
CA THR A 340 13.75 -5.92 -2.95
C THR A 340 14.29 -5.13 -1.76
N HIS A 341 13.43 -4.30 -1.13
CA HIS A 341 13.86 -3.43 -0.05
C HIS A 341 14.59 -4.20 1.05
N PRO A 342 14.11 -5.40 1.47
CA PRO A 342 14.84 -6.25 2.39
C PRO A 342 15.60 -7.42 1.76
N SER A 343 16.14 -7.21 0.55
CA SER A 343 16.89 -8.22 -0.19
C SER A 343 18.16 -8.65 0.55
N LEU A 344 18.67 -7.80 1.44
CA LEU A 344 19.91 -8.09 2.15
C LEU A 344 19.72 -9.25 3.12
N ALA A 345 18.46 -9.65 3.37
CA ALA A 345 18.12 -10.81 4.18
C ALA A 345 18.82 -12.06 3.64
N ILE A 346 18.98 -12.12 2.33
CA ILE A 346 19.58 -13.27 1.66
C ILE A 346 21.08 -13.36 1.99
N PRO A 347 21.91 -12.33 1.70
CA PRO A 347 23.31 -12.31 2.13
C PRO A 347 23.51 -12.38 3.66
N GLU A 348 22.59 -11.76 4.41
CA GLU A 348 22.69 -11.72 5.86
C GLU A 348 22.48 -13.12 6.45
N LEU A 349 21.49 -13.84 5.92
CA LEU A 349 21.21 -15.18 6.40
C LEU A 349 22.41 -16.09 6.12
N MET A 350 23.01 -15.94 4.93
CA MET A 350 24.22 -16.66 4.58
C MET A 350 25.34 -16.34 5.57
N ARG A 351 25.49 -15.04 5.90
CA ARG A 351 26.59 -14.56 6.74
C ARG A 351 26.51 -15.19 8.13
N VAL A 352 25.30 -15.17 8.70
CA VAL A 352 25.06 -15.79 10.00
C VAL A 352 25.37 -17.29 9.90
N LEU A 353 24.80 -17.96 8.90
CA LEU A 353 24.91 -19.40 8.76
C LEU A 353 26.36 -19.81 8.53
N VAL A 354 27.07 -19.09 7.65
CA VAL A 354 28.43 -19.44 7.27
C VAL A 354 29.42 -18.93 8.33
N ASP A 355 29.38 -17.62 8.63
CA ASP A 355 30.41 -16.97 9.42
C ASP A 355 30.23 -17.24 10.92
N LEU A 356 28.98 -17.35 11.39
CA LEU A 356 28.72 -17.41 12.82
C LEU A 356 28.37 -18.83 13.26
N GLU A 357 27.61 -19.57 12.45
CA GLU A 357 27.12 -20.89 12.78
C GLU A 357 28.03 -21.97 12.19
N ARG A 358 28.84 -21.56 11.21
CA ARG A 358 29.93 -22.37 10.66
C ARG A 358 29.39 -23.55 9.85
N LEU A 359 28.25 -23.34 9.17
CA LEU A 359 27.76 -24.27 8.16
C LEU A 359 28.60 -24.09 6.90
N ASP A 360 28.70 -25.14 6.08
CA ASP A 360 29.29 -25.05 4.76
C ASP A 360 28.38 -24.22 3.86
N TRP A 361 28.99 -23.58 2.85
CA TRP A 361 28.31 -22.68 1.93
C TRP A 361 27.04 -23.32 1.35
N ASP A 362 27.23 -24.49 0.73
CA ASP A 362 26.20 -25.18 -0.03
C ASP A 362 24.98 -25.46 0.84
N LYS A 363 25.21 -25.88 2.08
CA LYS A 363 24.13 -26.19 3.01
C LYS A 363 23.41 -24.90 3.44
N ALA A 364 24.19 -23.86 3.74
CA ALA A 364 23.64 -22.58 4.15
C ALA A 364 22.75 -22.03 3.04
N TRP A 365 23.18 -22.23 1.79
CA TRP A 365 22.50 -21.74 0.60
C TRP A 365 21.15 -22.44 0.42
N GLU A 366 21.14 -23.76 0.61
CA GLU A 366 19.95 -24.57 0.50
C GLU A 366 18.91 -24.04 1.49
N VAL A 367 19.36 -23.80 2.72
CA VAL A 367 18.51 -23.31 3.81
C VAL A 367 17.91 -21.96 3.43
N THR A 368 18.78 -21.05 2.95
CA THR A 368 18.40 -19.70 2.54
C THR A 368 17.32 -19.74 1.45
N VAL A 369 17.58 -20.49 0.37
CA VAL A 369 16.69 -20.53 -0.77
C VAL A 369 15.32 -21.06 -0.32
N LYS A 370 15.32 -22.13 0.48
CA LYS A 370 14.12 -22.80 0.95
C LYS A 370 13.36 -21.93 1.97
N THR A 371 14.03 -20.91 2.53
CA THR A 371 13.42 -20.01 3.51
C THR A 371 12.79 -18.79 2.84
N CYS A 372 13.49 -18.24 1.83
CA CYS A 372 13.15 -16.93 1.31
C CYS A 372 12.25 -17.05 0.08
N ALA A 373 11.35 -16.06 -0.06
CA ALA A 373 10.51 -15.87 -1.24
C ALA A 373 10.37 -14.36 -1.50
N TYR A 374 10.34 -13.99 -2.78
CA TYR A 374 10.38 -12.60 -3.23
C TYR A 374 9.10 -12.25 -3.98
N THR A 375 8.44 -11.15 -3.56
CA THR A 375 7.32 -10.55 -4.27
C THR A 375 7.81 -9.31 -5.02
N ASN A 376 7.64 -9.29 -6.34
CA ASN A 376 7.95 -8.13 -7.18
C ASN A 376 6.69 -7.27 -7.34
N HIS A 377 6.88 -5.94 -7.31
CA HIS A 377 5.77 -5.00 -7.25
C HIS A 377 5.64 -4.12 -8.49
N THR A 378 6.66 -4.12 -9.36
CA THR A 378 6.65 -3.27 -10.55
C THR A 378 7.74 -3.71 -11.53
N VAL A 379 7.55 -3.35 -12.81
CA VAL A 379 8.51 -3.61 -13.87
C VAL A 379 9.14 -2.30 -14.31
N LEU A 380 8.64 -1.17 -13.79
CA LEU A 380 9.15 0.14 -14.16
C LEU A 380 10.63 0.24 -13.77
N PRO A 381 11.54 0.55 -14.73
CA PRO A 381 12.98 0.48 -14.48
C PRO A 381 13.54 1.44 -13.43
N GLU A 382 12.89 2.58 -13.23
CA GLU A 382 13.36 3.58 -12.29
C GLU A 382 13.08 3.16 -10.84
N ALA A 383 12.23 2.14 -10.67
CA ALA A 383 11.92 1.60 -9.37
C ALA A 383 12.92 0.52 -8.96
N LEU A 384 13.63 -0.06 -9.94
CA LEU A 384 14.52 -1.18 -9.71
C LEU A 384 15.71 -0.73 -8.85
N GLU A 385 15.93 -1.43 -7.72
CA GLU A 385 17.02 -1.13 -6.81
C GLU A 385 18.33 -1.68 -7.40
N ARG A 386 19.25 -0.76 -7.73
CA ARG A 386 20.55 -1.11 -8.26
C ARG A 386 21.61 -0.34 -7.45
N TRP A 387 22.13 -1.00 -6.41
CA TRP A 387 23.00 -0.36 -5.44
C TRP A 387 24.44 -0.27 -5.98
N PRO A 388 25.05 0.93 -6.03
CA PRO A 388 26.48 1.06 -6.33
C PRO A 388 27.32 0.20 -5.40
N VAL A 389 28.35 -0.43 -5.98
CA VAL A 389 29.26 -1.35 -5.31
C VAL A 389 30.05 -0.61 -4.24
N HIS A 390 30.49 0.62 -4.54
CA HIS A 390 31.32 1.42 -3.66
C HIS A 390 30.61 1.70 -2.34
N LEU A 391 29.27 1.74 -2.38
CA LEU A 391 28.45 1.97 -1.20
C LEU A 391 28.44 0.71 -0.32
N LEU A 392 28.19 -0.45 -0.94
CA LEU A 392 28.15 -1.71 -0.22
C LEU A 392 29.55 -2.05 0.30
N GLU A 393 30.57 -1.67 -0.48
CA GLU A 393 31.97 -1.91 -0.13
C GLU A 393 32.29 -1.25 1.21
N THR A 394 31.85 0.00 1.38
CA THR A 394 32.14 0.80 2.57
C THR A 394 31.26 0.33 3.74
N LEU A 395 29.96 0.16 3.47
CA LEU A 395 28.98 -0.01 4.53
C LEU A 395 28.90 -1.48 4.99
N LEU A 396 28.88 -2.41 4.03
CA LEU A 396 28.67 -3.82 4.32
C LEU A 396 29.70 -4.66 3.57
N PRO A 397 31.00 -4.58 3.95
CA PRO A 397 32.08 -5.21 3.19
C PRO A 397 31.90 -6.72 3.01
N ARG A 398 31.41 -7.39 4.07
CA ARG A 398 31.26 -8.84 4.08
C ARG A 398 30.11 -9.27 3.17
N HIS A 399 29.00 -8.52 3.21
CA HIS A 399 27.83 -8.79 2.39
C HIS A 399 28.18 -8.71 0.90
N LEU A 400 29.12 -7.81 0.54
CA LEU A 400 29.51 -7.68 -0.85
C LEU A 400 30.23 -8.94 -1.32
N GLN A 401 31.14 -9.45 -0.47
CA GLN A 401 31.92 -10.64 -0.78
C GLN A 401 30.99 -11.84 -0.99
N ILE A 402 29.97 -11.92 -0.13
CA ILE A 402 28.98 -12.99 -0.17
C ILE A 402 28.15 -12.86 -1.44
N ILE A 403 27.85 -11.62 -1.86
CA ILE A 403 27.06 -11.39 -3.07
C ILE A 403 27.85 -11.85 -4.29
N TYR A 404 29.15 -11.50 -4.32
CA TYR A 404 30.05 -11.87 -5.42
C TYR A 404 30.13 -13.38 -5.54
N GLU A 405 30.15 -14.06 -4.37
CA GLU A 405 30.24 -15.51 -4.28
C GLU A 405 28.94 -16.14 -4.79
N ILE A 406 27.80 -15.52 -4.45
CA ILE A 406 26.50 -15.96 -4.94
C ILE A 406 26.50 -15.83 -6.46
N ASN A 407 26.99 -14.69 -6.95
CA ASN A 407 26.99 -14.35 -8.36
C ASN A 407 27.81 -15.38 -9.15
N GLN A 408 29.01 -15.70 -8.64
CA GLN A 408 29.91 -16.63 -9.30
C GLN A 408 29.23 -17.99 -9.46
N ARG A 409 28.66 -18.49 -8.36
CA ARG A 409 28.06 -19.82 -8.32
C ARG A 409 26.78 -19.88 -9.16
N PHE A 410 25.99 -18.79 -9.14
CA PHE A 410 24.79 -18.69 -9.94
C PHE A 410 25.13 -18.72 -11.43
N LEU A 411 26.13 -17.92 -11.83
CA LEU A 411 26.53 -17.78 -13.22
C LEU A 411 27.14 -19.07 -13.75
N ASN A 412 27.68 -19.91 -12.84
CA ASN A 412 28.23 -21.20 -13.19
C ASN A 412 27.12 -22.16 -13.59
N ARG A 413 25.97 -22.06 -12.93
CA ARG A 413 24.80 -22.88 -13.24
C ARG A 413 24.24 -22.50 -14.61
N VAL A 414 24.19 -21.19 -14.86
CA VAL A 414 23.72 -20.62 -16.12
C VAL A 414 24.59 -21.13 -17.27
N ALA A 415 25.91 -21.03 -17.09
CA ALA A 415 26.90 -21.45 -18.08
C ALA A 415 26.69 -22.92 -18.46
N ALA A 416 26.36 -23.74 -17.45
CA ALA A 416 26.22 -25.18 -17.62
C ALA A 416 24.92 -25.52 -18.34
N ALA A 417 23.89 -24.68 -18.14
CA ALA A 417 22.57 -24.90 -18.72
C ALA A 417 22.51 -24.32 -20.13
N PHE A 418 23.19 -23.19 -20.35
CA PHE A 418 23.20 -22.50 -21.63
C PHE A 418 24.64 -22.31 -22.11
N PRO A 419 25.35 -23.39 -22.50
CA PRO A 419 26.76 -23.29 -22.86
C PRO A 419 26.95 -22.34 -24.05
N GLY A 420 27.82 -21.34 -23.86
CA GLY A 420 28.23 -20.44 -24.94
C GLY A 420 27.36 -19.19 -25.02
N ASP A 421 26.26 -19.14 -24.27
CA ASP A 421 25.37 -17.99 -24.27
C ASP A 421 25.96 -16.92 -23.35
N VAL A 422 27.00 -16.24 -23.83
CA VAL A 422 27.78 -15.29 -23.04
C VAL A 422 26.92 -14.08 -22.69
N ASP A 423 26.01 -13.70 -23.59
CA ASP A 423 25.16 -12.55 -23.39
C ASP A 423 24.20 -12.81 -22.23
N ARG A 424 23.73 -14.05 -22.11
CA ARG A 424 22.87 -14.46 -21.02
C ARG A 424 23.59 -14.18 -19.70
N LEU A 425 24.86 -14.61 -19.62
CA LEU A 425 25.69 -14.42 -18.45
C LEU A 425 25.70 -12.95 -18.03
N ARG A 426 25.88 -12.06 -19.02
CA ARG A 426 25.94 -10.62 -18.79
C ARG A 426 24.58 -10.12 -18.28
N ARG A 427 23.49 -10.60 -18.88
CA ARG A 427 22.14 -10.12 -18.61
C ARG A 427 21.67 -10.56 -17.22
N MET A 428 22.17 -11.72 -16.76
CA MET A 428 21.62 -12.35 -15.58
C MET A 428 22.48 -12.05 -14.35
N SER A 429 23.69 -11.53 -14.57
CA SER A 429 24.63 -11.23 -13.50
C SER A 429 23.98 -10.36 -12.43
N LEU A 430 24.27 -10.68 -11.16
CA LEU A 430 23.86 -9.86 -10.03
C LEU A 430 24.64 -8.54 -10.08
N VAL A 431 25.82 -8.57 -10.72
CA VAL A 431 26.68 -7.40 -10.83
C VAL A 431 26.54 -6.82 -12.23
N GLU A 432 26.10 -5.55 -12.32
CA GLU A 432 26.00 -4.83 -13.57
C GLU A 432 27.28 -4.04 -13.81
N GLU A 433 27.95 -4.32 -14.93
CA GLU A 433 29.09 -3.55 -15.40
C GLU A 433 28.60 -2.22 -15.96
N GLY A 434 29.48 -1.21 -15.99
CA GLY A 434 29.12 0.11 -16.49
C GLY A 434 29.96 1.21 -15.85
N ALA A 435 29.53 2.47 -16.03
CA ALA A 435 30.18 3.64 -15.45
C ALA A 435 30.61 3.33 -14.02
N VAL A 436 29.62 3.08 -13.15
CA VAL A 436 29.83 2.53 -11.83
C VAL A 436 29.21 1.13 -11.80
N LYS A 437 29.89 0.17 -11.17
CA LYS A 437 29.34 -1.15 -10.93
C LYS A 437 28.19 -1.04 -9.93
N ARG A 438 27.12 -1.83 -10.15
CA ARG A 438 25.94 -1.85 -9.30
C ARG A 438 25.55 -3.31 -9.03
N ILE A 439 24.85 -3.55 -7.91
CA ILE A 439 24.22 -4.83 -7.65
C ILE A 439 22.74 -4.71 -7.98
N ASN A 440 22.26 -5.60 -8.84
CA ASN A 440 20.83 -5.75 -9.13
C ASN A 440 20.21 -6.61 -8.03
N MET A 441 19.46 -5.95 -7.13
CA MET A 441 18.92 -6.61 -5.96
C MET A 441 17.79 -7.56 -6.32
N ALA A 442 17.13 -7.31 -7.47
CA ALA A 442 16.08 -8.16 -8.00
C ALA A 442 16.66 -9.50 -8.44
N HIS A 443 17.84 -9.45 -9.08
CA HIS A 443 18.55 -10.66 -9.49
C HIS A 443 18.97 -11.46 -8.26
N LEU A 444 19.41 -10.76 -7.21
CA LEU A 444 19.80 -11.39 -5.96
C LEU A 444 18.61 -12.14 -5.37
N CYS A 445 17.44 -11.48 -5.44
CA CYS A 445 16.20 -12.00 -4.87
C CYS A 445 15.75 -13.27 -5.59
N ILE A 446 15.78 -13.25 -6.93
CA ILE A 446 15.39 -14.39 -7.72
C ILE A 446 16.31 -15.57 -7.41
N ALA A 447 17.62 -15.30 -7.33
CA ALA A 447 18.62 -16.34 -7.11
C ALA A 447 18.49 -16.96 -5.73
N GLY A 448 18.13 -16.15 -4.73
CA GLY A 448 18.20 -16.59 -3.33
C GLY A 448 16.84 -16.99 -2.75
N SER A 449 15.81 -17.05 -3.60
CA SER A 449 14.43 -17.36 -3.21
C SER A 449 13.94 -18.62 -3.93
N HIS A 450 13.08 -19.40 -3.27
CA HIS A 450 12.47 -20.56 -3.90
C HIS A 450 11.21 -20.17 -4.68
N ALA A 451 10.70 -18.96 -4.43
CA ALA A 451 9.49 -18.49 -5.10
C ALA A 451 9.60 -17.00 -5.41
N VAL A 452 9.27 -16.65 -6.66
CA VAL A 452 9.16 -15.28 -7.12
C VAL A 452 7.74 -15.10 -7.64
N ASN A 453 7.02 -14.10 -7.11
CA ASN A 453 5.65 -13.88 -7.51
C ASN A 453 5.45 -12.43 -7.96
N GLY A 454 4.58 -12.26 -8.95
CA GLY A 454 3.96 -10.97 -9.25
C GLY A 454 2.63 -10.85 -8.51
N VAL A 455 1.91 -9.75 -8.77
CA VAL A 455 0.85 -9.28 -7.90
C VAL A 455 -0.47 -9.16 -8.66
N ALA A 456 -0.45 -9.60 -9.93
CA ALA A 456 -1.62 -9.76 -10.78
C ALA A 456 -1.22 -10.65 -11.96
N ARG A 457 -2.19 -11.35 -12.56
CA ARG A 457 -1.91 -12.36 -13.57
C ARG A 457 -1.09 -11.77 -14.73
N ILE A 458 -1.51 -10.60 -15.24
CA ILE A 458 -0.88 -9.98 -16.40
C ILE A 458 0.55 -9.57 -16.06
N HIS A 459 0.74 -9.08 -14.82
CA HIS A 459 2.04 -8.65 -14.31
C HIS A 459 3.00 -9.85 -14.21
N SER A 460 2.51 -10.95 -13.64
CA SER A 460 3.26 -12.19 -13.49
C SER A 460 3.68 -12.73 -14.86
N GLU A 461 2.78 -12.62 -15.84
CA GLU A 461 3.06 -13.06 -17.20
C GLU A 461 4.15 -12.18 -17.80
N ILE A 462 4.06 -10.86 -17.58
CA ILE A 462 5.02 -9.89 -18.09
C ILE A 462 6.42 -10.18 -17.53
N LEU A 463 6.50 -10.59 -16.26
CA LEU A 463 7.77 -10.93 -15.62
C LEU A 463 8.44 -12.09 -16.36
N LYS A 464 7.63 -13.08 -16.76
CA LYS A 464 8.12 -14.28 -17.42
C LYS A 464 8.47 -14.00 -18.88
N LYS A 465 7.78 -13.04 -19.51
CA LYS A 465 7.95 -12.74 -20.92
C LYS A 465 9.11 -11.76 -21.14
N THR A 466 9.29 -10.80 -20.21
CA THR A 466 10.19 -9.68 -20.43
C THR A 466 11.35 -9.67 -19.43
N ILE A 467 11.18 -8.99 -18.28
CA ILE A 467 12.31 -8.55 -17.47
C ILE A 467 13.03 -9.72 -16.78
N PHE A 468 12.33 -10.83 -16.53
CA PHE A 468 12.96 -11.98 -15.89
C PHE A 468 12.87 -13.22 -16.79
N LYS A 469 12.80 -13.01 -18.10
CA LYS A 469 12.69 -14.09 -19.08
C LYS A 469 13.79 -15.12 -18.87
N ASP A 470 15.04 -14.65 -18.76
CA ASP A 470 16.21 -15.50 -18.60
C ASP A 470 16.11 -16.37 -17.34
N PHE A 471 15.62 -15.78 -16.24
CA PHE A 471 15.51 -16.42 -14.94
C PHE A 471 14.45 -17.51 -14.98
N TYR A 472 13.29 -17.16 -15.58
CA TYR A 472 12.22 -18.09 -15.83
C TYR A 472 12.72 -19.30 -16.62
N GLU A 473 13.50 -19.06 -17.69
CA GLU A 473 14.02 -20.13 -18.53
C GLU A 473 14.92 -21.08 -17.75
N LEU A 474 15.62 -20.55 -16.74
CA LEU A 474 16.52 -21.35 -15.90
C LEU A 474 15.73 -22.10 -14.85
N GLU A 475 14.82 -21.39 -14.16
CA GLU A 475 14.09 -21.97 -13.04
C GLU A 475 12.61 -21.65 -13.15
N PRO A 476 11.88 -22.30 -14.09
CA PRO A 476 10.46 -22.02 -14.31
C PRO A 476 9.60 -22.29 -13.08
N HIS A 477 10.05 -23.23 -12.24
CA HIS A 477 9.33 -23.65 -11.04
C HIS A 477 9.20 -22.52 -10.02
N LYS A 478 10.11 -21.53 -10.05
CA LYS A 478 10.15 -20.46 -9.06
C LYS A 478 9.02 -19.44 -9.24
N PHE A 479 8.54 -19.27 -10.47
CA PHE A 479 7.71 -18.13 -10.83
C PHE A 479 6.23 -18.46 -10.63
N GLN A 480 5.56 -17.68 -9.77
CA GLN A 480 4.16 -17.85 -9.42
C GLN A 480 3.40 -16.55 -9.65
N ASN A 481 2.06 -16.62 -9.59
CA ASN A 481 1.22 -15.44 -9.47
C ASN A 481 0.53 -15.46 -8.10
N LYS A 482 0.42 -14.29 -7.47
CA LYS A 482 -0.40 -14.08 -6.29
C LYS A 482 -1.08 -12.72 -6.42
N THR A 483 -2.21 -12.69 -7.14
CA THR A 483 -2.99 -11.48 -7.35
C THR A 483 -3.30 -10.85 -6.00
N ASN A 484 -3.08 -9.53 -5.92
CA ASN A 484 -3.28 -8.74 -4.71
C ASN A 484 -4.75 -8.82 -4.25
N GLY A 485 -4.98 -8.33 -3.04
CA GLY A 485 -6.29 -8.22 -2.44
C GLY A 485 -6.30 -7.12 -1.37
N ILE A 486 -7.48 -6.86 -0.81
CA ILE A 486 -7.70 -5.87 0.24
C ILE A 486 -8.50 -6.57 1.34
N THR A 487 -8.27 -6.20 2.60
CA THR A 487 -9.03 -6.72 3.72
C THR A 487 -10.45 -6.15 3.68
N PRO A 488 -11.50 -7.00 3.59
CA PRO A 488 -12.88 -6.51 3.63
C PRO A 488 -13.29 -5.94 4.98
N ARG A 489 -12.46 -6.17 6.02
CA ARG A 489 -12.72 -5.59 7.33
C ARG A 489 -12.60 -4.07 7.27
N ARG A 490 -11.38 -3.56 7.03
CA ARG A 490 -11.18 -2.12 6.91
C ARG A 490 -12.00 -1.56 5.75
N TRP A 491 -12.01 -2.27 4.62
CA TRP A 491 -12.39 -1.69 3.33
C TRP A 491 -13.86 -1.93 3.01
N LEU A 492 -14.60 -2.51 3.95
CA LEU A 492 -16.05 -2.59 3.82
C LEU A 492 -16.71 -2.32 5.17
N VAL A 493 -16.54 -3.25 6.12
CA VAL A 493 -17.24 -3.19 7.40
C VAL A 493 -16.93 -1.86 8.09
N LEU A 494 -15.64 -1.51 8.11
CA LEU A 494 -15.17 -0.35 8.85
C LEU A 494 -15.60 0.93 8.14
N CYS A 495 -15.30 1.05 6.84
CA CYS A 495 -15.44 2.33 6.16
C CYS A 495 -16.85 2.52 5.60
N ASN A 496 -17.62 1.43 5.47
CA ASN A 496 -18.90 1.44 4.78
C ASN A 496 -19.90 0.54 5.51
N PRO A 497 -20.22 0.85 6.79
CA PRO A 497 -21.08 -0.02 7.60
C PRO A 497 -22.49 -0.20 7.05
N GLY A 498 -23.00 0.84 6.37
CA GLY A 498 -24.32 0.81 5.77
C GLY A 498 -24.43 -0.21 4.64
N LEU A 499 -23.39 -0.30 3.80
CA LEU A 499 -23.36 -1.31 2.75
C LEU A 499 -23.23 -2.68 3.38
N ALA A 500 -22.33 -2.81 4.37
CA ALA A 500 -22.11 -4.06 5.07
C ALA A 500 -23.43 -4.63 5.59
N GLU A 501 -24.26 -3.74 6.15
CA GLU A 501 -25.50 -4.10 6.82
C GLU A 501 -26.55 -4.61 5.84
N ILE A 502 -26.74 -3.88 4.74
CA ILE A 502 -27.78 -4.24 3.79
C ILE A 502 -27.41 -5.56 3.12
N ILE A 503 -26.10 -5.82 2.99
CA ILE A 503 -25.65 -7.10 2.48
C ILE A 503 -25.93 -8.20 3.51
N ALA A 504 -25.64 -7.90 4.78
CA ALA A 504 -25.85 -8.81 5.89
C ALA A 504 -27.33 -9.15 6.07
N GLU A 505 -28.22 -8.19 5.77
CA GLU A 505 -29.66 -8.40 5.92
C GLU A 505 -30.13 -9.53 5.00
N ARG A 506 -29.46 -9.69 3.85
CA ARG A 506 -29.85 -10.67 2.85
C ARG A 506 -29.12 -11.99 3.07
N ILE A 507 -27.80 -11.92 3.26
CA ILE A 507 -26.96 -13.13 3.11
C ILE A 507 -26.21 -13.48 4.38
N GLY A 508 -26.41 -12.73 5.48
CA GLY A 508 -25.73 -13.01 6.73
C GLY A 508 -24.37 -12.33 6.82
N GLU A 509 -23.59 -12.68 7.87
CA GLU A 509 -22.36 -12.00 8.26
C GLU A 509 -21.12 -12.79 7.83
N GLU A 510 -21.31 -14.05 7.45
CA GLU A 510 -20.24 -14.99 7.15
C GLU A 510 -19.28 -14.42 6.08
N TYR A 511 -19.79 -13.55 5.21
CA TYR A 511 -19.09 -13.09 4.02
C TYR A 511 -17.85 -12.27 4.40
N ILE A 512 -17.87 -11.66 5.58
CA ILE A 512 -16.82 -10.75 6.03
C ILE A 512 -15.49 -11.49 6.13
N SER A 513 -15.55 -12.80 6.40
CA SER A 513 -14.36 -13.63 6.53
C SER A 513 -14.29 -14.65 5.40
N ASP A 514 -15.22 -14.50 4.45
CA ASP A 514 -15.37 -15.41 3.32
C ASP A 514 -16.05 -14.64 2.18
N LEU A 515 -15.30 -13.75 1.53
CA LEU A 515 -15.86 -12.71 0.67
C LEU A 515 -16.47 -13.29 -0.61
N ASP A 516 -16.09 -14.54 -0.96
CA ASP A 516 -16.64 -15.22 -2.14
C ASP A 516 -18.16 -15.33 -2.04
N GLN A 517 -18.69 -15.31 -0.82
CA GLN A 517 -20.11 -15.45 -0.54
C GLN A 517 -20.91 -14.27 -1.10
N LEU A 518 -20.21 -13.21 -1.55
CA LEU A 518 -20.87 -12.06 -2.15
C LEU A 518 -21.60 -12.44 -3.43
N ARG A 519 -21.21 -13.57 -4.06
CA ARG A 519 -21.84 -14.05 -5.28
C ARG A 519 -23.34 -14.25 -5.09
N LYS A 520 -23.75 -14.55 -3.85
CA LYS A 520 -25.15 -14.79 -3.52
C LYS A 520 -25.98 -13.56 -3.85
N LEU A 521 -25.32 -12.39 -3.97
CA LEU A 521 -25.98 -11.12 -4.25
C LEU A 521 -26.44 -11.04 -5.70
N LEU A 522 -25.93 -11.93 -6.56
CA LEU A 522 -26.32 -11.94 -7.96
C LEU A 522 -27.81 -12.27 -8.08
N SER A 523 -28.35 -13.02 -7.11
CA SER A 523 -29.74 -13.43 -7.14
C SER A 523 -30.66 -12.32 -6.64
N TYR A 524 -30.07 -11.15 -6.35
CA TYR A 524 -30.79 -9.99 -5.84
C TYR A 524 -30.72 -8.82 -6.81
N VAL A 525 -30.24 -9.07 -8.03
CA VAL A 525 -29.95 -8.04 -9.02
C VAL A 525 -31.24 -7.46 -9.59
N ASP A 526 -32.35 -8.21 -9.45
CA ASP A 526 -33.66 -7.78 -9.93
C ASP A 526 -34.61 -7.56 -8.75
N ASP A 527 -34.06 -7.46 -7.53
CA ASP A 527 -34.86 -7.17 -6.34
C ASP A 527 -34.95 -5.66 -6.16
N GLU A 528 -36.19 -5.13 -6.21
CA GLU A 528 -36.42 -3.70 -6.18
C GLU A 528 -35.95 -3.11 -4.85
N ALA A 529 -36.15 -3.86 -3.76
CA ALA A 529 -35.83 -3.43 -2.41
C ALA A 529 -34.32 -3.26 -2.26
N PHE A 530 -33.57 -4.25 -2.77
CA PHE A 530 -32.12 -4.26 -2.69
C PHE A 530 -31.52 -3.15 -3.57
N ILE A 531 -32.07 -2.96 -4.78
CA ILE A 531 -31.63 -1.91 -5.67
C ILE A 531 -31.79 -0.55 -4.97
N ARG A 532 -32.93 -0.36 -4.29
CA ARG A 532 -33.24 0.86 -3.56
C ARG A 532 -32.20 1.07 -2.45
N ASP A 533 -31.83 -0.03 -1.77
CA ASP A 533 -30.95 -0.01 -0.62
C ASP A 533 -29.53 0.34 -1.02
N VAL A 534 -29.03 -0.33 -2.07
CA VAL A 534 -27.70 -0.10 -2.60
C VAL A 534 -27.54 1.38 -2.95
N ALA A 535 -28.53 1.92 -3.66
CA ALA A 535 -28.49 3.30 -4.13
C ALA A 535 -28.61 4.28 -2.96
N LYS A 536 -29.42 3.91 -1.95
CA LYS A 536 -29.64 4.75 -0.78
C LYS A 536 -28.35 4.88 0.03
N VAL A 537 -27.65 3.76 0.23
CA VAL A 537 -26.40 3.76 0.97
C VAL A 537 -25.39 4.65 0.25
N LYS A 538 -25.37 4.56 -1.09
CA LYS A 538 -24.44 5.35 -1.89
C LYS A 538 -24.73 6.84 -1.72
N GLN A 539 -26.02 7.19 -1.71
CA GLN A 539 -26.43 8.58 -1.57
C GLN A 539 -26.07 9.10 -0.17
N GLU A 540 -26.22 8.25 0.85
CA GLU A 540 -25.92 8.65 2.22
C GLU A 540 -24.41 8.89 2.36
N ASN A 541 -23.61 8.03 1.74
CA ASN A 541 -22.16 8.15 1.75
C ASN A 541 -21.72 9.44 1.08
N LYS A 542 -22.43 9.83 0.00
CA LYS A 542 -22.10 11.00 -0.78
C LYS A 542 -22.43 12.27 0.01
N LEU A 543 -23.62 12.28 0.64
CA LEU A 543 -24.07 13.36 1.49
C LEU A 543 -23.07 13.61 2.61
N LYS A 544 -22.63 12.51 3.26
CA LYS A 544 -21.70 12.55 4.38
C LYS A 544 -20.33 13.06 3.93
N PHE A 545 -19.90 12.70 2.72
CA PHE A 545 -18.60 13.13 2.22
C PHE A 545 -18.63 14.60 1.80
N ALA A 546 -19.74 15.01 1.18
CA ALA A 546 -19.94 16.39 0.74
C ALA A 546 -19.98 17.33 1.94
N ALA A 547 -20.55 16.82 3.05
CA ALA A 547 -20.59 17.50 4.33
C ALA A 547 -19.17 17.62 4.88
N TYR A 548 -18.43 16.49 4.89
CA TYR A 548 -17.07 16.44 5.40
C TYR A 548 -16.20 17.49 4.71
N LEU A 549 -16.45 17.69 3.41
CA LEU A 549 -15.68 18.64 2.62
C LEU A 549 -15.90 20.05 3.15
N GLU A 550 -17.18 20.41 3.40
CA GLU A 550 -17.56 21.75 3.85
C GLU A 550 -16.98 22.06 5.22
N ARG A 551 -17.03 21.09 6.14
CA ARG A 551 -16.57 21.24 7.52
C ARG A 551 -15.07 21.53 7.58
N GLU A 552 -14.28 20.75 6.84
CA GLU A 552 -12.84 20.66 7.03
C GLU A 552 -12.06 21.45 5.99
N TYR A 553 -12.70 21.74 4.84
CA TYR A 553 -12.03 22.43 3.72
C TYR A 553 -13.01 23.32 2.94
N LYS A 554 -13.98 23.92 3.64
CA LYS A 554 -14.95 24.90 3.14
C LYS A 554 -15.01 24.96 1.60
N VAL A 555 -15.75 24.03 0.98
CA VAL A 555 -15.99 23.96 -0.46
C VAL A 555 -17.37 23.34 -0.72
N HIS A 556 -18.09 23.86 -1.72
CA HIS A 556 -19.50 23.53 -1.97
C HIS A 556 -19.66 22.63 -3.21
N ILE A 557 -20.07 21.37 -2.98
CA ILE A 557 -20.23 20.38 -4.04
C ILE A 557 -21.68 19.86 -4.09
N ASN A 558 -22.16 19.56 -5.31
CA ASN A 558 -23.50 19.06 -5.56
C ASN A 558 -23.53 17.54 -5.29
N PRO A 559 -24.28 17.06 -4.28
CA PRO A 559 -24.31 15.63 -3.97
C PRO A 559 -25.07 14.77 -4.99
N ASN A 560 -25.81 15.42 -5.89
CA ASN A 560 -26.59 14.72 -6.91
C ASN A 560 -25.74 14.44 -8.16
N SER A 561 -24.53 15.01 -8.20
CA SER A 561 -23.61 14.83 -9.31
C SER A 561 -22.95 13.45 -9.22
N LEU A 562 -22.40 12.98 -10.35
CA LEU A 562 -21.58 11.78 -10.42
C LEU A 562 -20.22 12.09 -9.78
N PHE A 563 -19.83 11.28 -8.78
CA PHE A 563 -18.54 11.43 -8.11
C PHE A 563 -17.49 10.63 -8.87
N ASP A 564 -16.69 11.36 -9.65
CA ASP A 564 -15.62 10.84 -10.49
C ASP A 564 -14.31 11.02 -9.74
N VAL A 565 -13.78 9.94 -9.16
CA VAL A 565 -12.63 10.05 -8.29
C VAL A 565 -11.44 9.21 -8.79
N GLN A 566 -10.26 9.86 -8.79
CA GLN A 566 -8.97 9.22 -8.98
C GLN A 566 -8.09 9.54 -7.77
N VAL A 567 -7.88 8.55 -6.89
CA VAL A 567 -7.02 8.73 -5.74
C VAL A 567 -5.94 7.64 -5.71
N LYS A 568 -4.68 8.10 -5.65
CA LYS A 568 -3.47 7.29 -5.73
C LYS A 568 -2.28 8.26 -5.78
N ARG A 569 -1.06 7.76 -5.58
CA ARG A 569 0.12 8.60 -5.70
C ARG A 569 0.13 9.25 -7.09
N ILE A 570 0.62 10.49 -7.16
CA ILE A 570 0.76 11.22 -8.42
C ILE A 570 1.94 10.63 -9.18
N HIS A 571 1.69 10.15 -10.40
CA HIS A 571 2.68 9.52 -11.26
C HIS A 571 2.36 9.83 -12.72
N GLU A 572 3.39 9.81 -13.57
CA GLU A 572 3.17 9.87 -15.01
C GLU A 572 2.44 8.62 -15.48
N TYR A 573 2.82 7.46 -14.93
CA TYR A 573 2.31 6.19 -15.42
C TYR A 573 0.85 5.98 -15.06
N LYS A 574 0.39 6.63 -13.99
CA LYS A 574 -0.98 6.51 -13.50
C LYS A 574 -1.91 7.44 -14.27
N ARG A 575 -1.34 8.43 -14.96
CA ARG A 575 -1.97 9.23 -16.00
C ARG A 575 -3.15 10.05 -15.46
N GLN A 576 -2.91 10.74 -14.32
CA GLN A 576 -3.79 11.79 -13.85
C GLN A 576 -3.97 12.82 -14.98
N LEU A 577 -2.95 12.96 -15.83
CA LEU A 577 -2.95 13.91 -16.94
C LEU A 577 -4.06 13.57 -17.94
N LEU A 578 -4.25 12.28 -18.21
CA LEU A 578 -5.30 11.81 -19.10
C LEU A 578 -6.66 12.27 -18.57
N ASN A 579 -6.82 12.14 -17.25
CA ASN A 579 -8.02 12.60 -16.54
C ASN A 579 -8.17 14.11 -16.73
N CYS A 580 -7.07 14.84 -16.60
CA CYS A 580 -7.08 16.29 -16.73
C CYS A 580 -7.59 16.69 -18.12
N LEU A 581 -7.17 15.94 -19.14
CA LEU A 581 -7.55 16.20 -20.52
C LEU A 581 -9.05 16.04 -20.69
N HIS A 582 -9.61 14.97 -20.10
CA HIS A 582 -11.05 14.73 -20.15
C HIS A 582 -11.80 15.89 -19.48
N VAL A 583 -11.30 16.31 -18.31
CA VAL A 583 -11.92 17.36 -17.52
C VAL A 583 -12.00 18.65 -18.34
N ILE A 584 -10.91 18.97 -19.04
CA ILE A 584 -10.84 20.17 -19.85
C ILE A 584 -11.74 20.01 -21.08
N THR A 585 -11.92 18.78 -21.56
CA THR A 585 -12.77 18.46 -22.70
C THR A 585 -14.23 18.75 -22.35
N LEU A 586 -14.67 18.28 -21.18
CA LEU A 586 -16.04 18.49 -20.73
C LEU A 586 -16.29 20.00 -20.61
N TYR A 587 -15.31 20.69 -20.01
CA TYR A 587 -15.36 22.13 -19.82
C TYR A 587 -15.56 22.84 -21.15
N ASN A 588 -14.73 22.48 -22.14
CA ASN A 588 -14.74 23.12 -23.46
C ASN A 588 -16.06 22.81 -24.19
N ARG A 589 -16.62 21.61 -23.95
CA ARG A 589 -17.86 21.19 -24.57
C ARG A 589 -19.03 21.99 -23.98
N ILE A 590 -19.02 22.20 -22.66
CA ILE A 590 -20.05 23.00 -22.00
C ILE A 590 -20.02 24.42 -22.57
N LYS A 591 -18.82 24.99 -22.72
CA LYS A 591 -18.66 26.37 -23.15
C LYS A 591 -19.14 26.55 -24.59
N LYS A 592 -18.90 25.54 -25.43
CA LYS A 592 -19.29 25.54 -26.83
C LYS A 592 -20.81 25.53 -26.95
N GLU A 593 -21.47 24.70 -26.14
CA GLU A 593 -22.91 24.54 -26.13
C GLU A 593 -23.41 24.66 -24.68
N PRO A 594 -23.53 25.89 -24.14
CA PRO A 594 -23.86 26.10 -22.73
C PRO A 594 -25.22 25.54 -22.30
N ASN A 595 -26.18 25.53 -23.23
CA ASN A 595 -27.58 25.31 -22.92
C ASN A 595 -28.00 23.87 -23.25
N LYS A 596 -27.01 22.99 -23.42
CA LYS A 596 -27.25 21.56 -23.68
C LYS A 596 -27.05 20.80 -22.37
N PHE A 597 -27.86 19.77 -22.14
CA PHE A 597 -27.79 18.99 -20.91
C PHE A 597 -26.56 18.10 -20.91
N VAL A 598 -25.83 18.10 -19.78
CA VAL A 598 -24.77 17.13 -19.51
C VAL A 598 -25.00 16.57 -18.09
N VAL A 599 -24.63 15.30 -17.88
CA VAL A 599 -24.67 14.73 -16.54
C VAL A 599 -23.70 15.51 -15.66
N PRO A 600 -24.15 16.08 -14.52
CA PRO A 600 -23.25 16.80 -13.62
C PRO A 600 -22.19 15.86 -13.04
N ARG A 601 -20.95 16.37 -12.88
CA ARG A 601 -19.89 15.60 -12.26
C ARG A 601 -19.15 16.45 -11.23
N THR A 602 -18.76 15.79 -10.13
CA THR A 602 -17.68 16.25 -9.28
C THR A 602 -16.47 15.36 -9.59
N VAL A 603 -15.44 15.96 -10.20
CA VAL A 603 -14.18 15.28 -10.45
C VAL A 603 -13.26 15.56 -9.28
N MET A 604 -12.89 14.50 -8.57
CA MET A 604 -11.99 14.59 -7.43
C MET A 604 -10.72 13.79 -7.74
N ILE A 605 -9.59 14.51 -7.74
CA ILE A 605 -8.28 13.88 -7.87
C ILE A 605 -7.49 14.17 -6.60
N GLY A 606 -6.92 13.10 -6.03
CA GLY A 606 -6.12 13.20 -4.83
C GLY A 606 -4.87 12.33 -4.93
N GLY A 607 -3.82 12.73 -4.21
CA GLY A 607 -2.58 11.98 -4.17
C GLY A 607 -1.40 12.86 -3.81
N LYS A 608 -0.37 12.24 -3.25
CA LYS A 608 0.89 12.92 -2.94
C LYS A 608 1.89 12.65 -4.05
N ALA A 609 2.68 13.69 -4.37
CA ALA A 609 3.86 13.57 -5.21
C ALA A 609 5.08 13.38 -4.33
N ALA A 610 6.05 12.58 -4.78
CA ALA A 610 7.34 12.50 -4.11
C ALA A 610 7.96 13.89 -4.13
N PRO A 611 8.51 14.41 -3.00
CA PRO A 611 8.97 15.78 -2.93
C PRO A 611 9.91 16.28 -4.03
N GLY A 612 10.66 15.37 -4.65
CA GLY A 612 11.62 15.73 -5.69
C GLY A 612 11.16 15.41 -7.12
N TYR A 613 9.90 14.95 -7.27
CA TYR A 613 9.32 14.54 -8.54
C TYR A 613 8.64 15.74 -9.19
N HIS A 614 9.42 16.50 -9.97
CA HIS A 614 9.02 17.77 -10.53
C HIS A 614 7.72 17.66 -11.32
N MET A 615 7.64 16.65 -12.19
CA MET A 615 6.50 16.48 -13.08
C MET A 615 5.23 16.21 -12.26
N ALA A 616 5.35 15.39 -11.20
CA ALA A 616 4.23 15.07 -10.34
C ALA A 616 3.72 16.31 -9.63
N LYS A 617 4.65 17.21 -9.27
CA LYS A 617 4.30 18.45 -8.58
C LYS A 617 3.65 19.42 -9.56
N MET A 618 4.01 19.33 -10.84
CA MET A 618 3.43 20.18 -11.87
C MET A 618 1.98 19.75 -12.15
N ILE A 619 1.76 18.43 -12.14
CA ILE A 619 0.44 17.84 -12.38
C ILE A 619 -0.54 18.30 -11.30
N ILE A 620 -0.10 18.29 -10.03
CA ILE A 620 -0.93 18.78 -8.94
C ILE A 620 -1.35 20.21 -9.26
N LYS A 621 -0.36 21.04 -9.64
CA LYS A 621 -0.59 22.44 -9.95
C LYS A 621 -1.60 22.59 -11.10
N LEU A 622 -1.46 21.77 -12.14
CA LEU A 622 -2.38 21.81 -13.27
C LEU A 622 -3.80 21.50 -12.79
N ILE A 623 -3.93 20.45 -11.98
CA ILE A 623 -5.21 20.00 -11.44
C ILE A 623 -5.91 21.19 -10.77
N THR A 624 -5.19 21.90 -9.90
CA THR A 624 -5.75 22.98 -9.11
C THR A 624 -6.03 24.19 -10.02
N ALA A 625 -5.19 24.37 -11.04
CA ALA A 625 -5.31 25.46 -12.00
C ALA A 625 -6.56 25.29 -12.86
N ILE A 626 -6.91 24.03 -13.18
CA ILE A 626 -8.13 23.73 -13.91
C ILE A 626 -9.33 24.07 -13.02
N GLY A 627 -9.27 23.65 -11.75
CA GLY A 627 -10.28 23.94 -10.75
C GLY A 627 -10.57 25.43 -10.61
N ASP A 628 -9.50 26.25 -10.58
CA ASP A 628 -9.61 27.70 -10.48
C ASP A 628 -10.42 28.27 -11.64
N VAL A 629 -10.28 27.67 -12.84
CA VAL A 629 -11.00 28.12 -14.02
C VAL A 629 -12.42 27.59 -13.98
N VAL A 630 -12.56 26.27 -13.82
CA VAL A 630 -13.83 25.57 -13.97
C VAL A 630 -14.79 25.95 -12.85
N ASN A 631 -14.29 25.96 -11.61
CA ASN A 631 -15.15 26.09 -10.43
C ASN A 631 -15.71 27.50 -10.29
N HIS A 632 -15.15 28.47 -11.02
CA HIS A 632 -15.53 29.86 -10.88
C HIS A 632 -16.22 30.40 -12.14
N ASP A 633 -16.50 29.52 -13.10
CA ASP A 633 -17.18 29.91 -14.34
C ASP A 633 -18.69 29.87 -14.12
N PRO A 634 -19.40 31.02 -14.26
CA PRO A 634 -20.84 31.09 -14.04
C PRO A 634 -21.66 30.22 -15.01
N VAL A 635 -21.15 30.07 -16.24
CA VAL A 635 -21.85 29.33 -17.28
C VAL A 635 -21.91 27.84 -16.93
N VAL A 636 -20.86 27.35 -16.25
CA VAL A 636 -20.72 25.94 -15.91
C VAL A 636 -21.77 25.55 -14.88
N GLY A 637 -22.03 26.43 -13.91
CA GLY A 637 -22.91 26.12 -12.80
C GLY A 637 -22.29 25.05 -11.90
N ASP A 638 -23.13 24.14 -11.39
CA ASP A 638 -22.65 23.02 -10.60
C ASP A 638 -22.62 21.75 -11.45
N ARG A 639 -22.57 21.93 -12.77
CA ARG A 639 -22.54 20.81 -13.71
C ARG A 639 -21.16 20.14 -13.69
N LEU A 640 -20.12 20.94 -13.43
CA LEU A 640 -18.75 20.42 -13.40
C LEU A 640 -17.98 21.11 -12.28
N ARG A 641 -17.41 20.30 -11.37
CA ARG A 641 -16.55 20.77 -10.30
C ARG A 641 -15.29 19.91 -10.26
N VAL A 642 -14.12 20.55 -10.13
CA VAL A 642 -12.84 19.87 -10.04
C VAL A 642 -12.23 20.13 -8.67
N ILE A 643 -12.06 19.07 -7.87
CA ILE A 643 -11.56 19.18 -6.51
C ILE A 643 -10.27 18.37 -6.40
N PHE A 644 -9.20 19.01 -5.91
CA PHE A 644 -8.01 18.27 -5.49
C PHE A 644 -8.15 17.89 -4.01
N LEU A 645 -8.17 16.58 -3.74
CA LEU A 645 -8.28 16.08 -2.38
C LEU A 645 -6.91 16.14 -1.70
N GLU A 646 -6.79 17.05 -0.74
CA GLU A 646 -5.56 17.33 0.00
C GLU A 646 -5.26 16.16 0.93
N ASN A 647 -3.97 15.80 1.05
CA ASN A 647 -3.44 14.88 2.05
C ASN A 647 -4.11 13.50 1.94
N TYR A 648 -4.20 12.97 0.71
CA TYR A 648 -4.70 11.61 0.52
C TYR A 648 -3.85 10.66 1.35
N ARG A 649 -4.54 9.92 2.23
CA ARG A 649 -3.95 8.92 3.12
C ARG A 649 -5.02 7.88 3.40
N VAL A 650 -4.68 6.87 4.22
CA VAL A 650 -5.56 5.74 4.49
C VAL A 650 -6.90 6.22 5.03
N SER A 651 -6.89 7.18 5.97
CA SER A 651 -8.11 7.59 6.64
C SER A 651 -9.01 8.42 5.73
N LEU A 652 -8.43 9.02 4.68
CA LEU A 652 -9.21 9.75 3.68
C LEU A 652 -9.77 8.78 2.63
N ALA A 653 -9.02 7.71 2.34
CA ALA A 653 -9.50 6.65 1.46
C ALA A 653 -10.78 6.04 2.04
N GLU A 654 -10.82 5.89 3.37
CA GLU A 654 -11.94 5.27 4.07
C GLU A 654 -13.20 6.15 3.95
N LYS A 655 -13.03 7.43 3.63
CA LYS A 655 -14.12 8.39 3.55
C LYS A 655 -14.61 8.54 2.11
N VAL A 656 -13.68 8.73 1.17
CA VAL A 656 -14.01 9.13 -0.19
C VAL A 656 -14.40 7.92 -1.03
N ILE A 657 -13.79 6.76 -0.75
CA ILE A 657 -14.02 5.57 -1.56
C ILE A 657 -15.48 5.13 -1.44
N PRO A 658 -16.06 5.02 -0.21
CA PRO A 658 -17.48 4.72 -0.07
C PRO A 658 -18.40 5.70 -0.79
N ALA A 659 -17.90 6.92 -1.03
CA ALA A 659 -18.70 7.99 -1.60
C ALA A 659 -18.58 8.03 -3.12
N ALA A 660 -17.74 7.17 -3.71
CA ALA A 660 -17.40 7.25 -5.13
C ALA A 660 -18.43 6.53 -6.01
N ASP A 661 -18.62 7.07 -7.23
CA ASP A 661 -19.48 6.47 -8.24
C ASP A 661 -18.62 5.83 -9.34
N LEU A 662 -17.62 6.58 -9.82
CA LEU A 662 -16.74 6.14 -10.89
C LEU A 662 -15.31 6.08 -10.36
N SER A 663 -14.69 4.90 -10.46
CA SER A 663 -13.30 4.66 -10.11
C SER A 663 -12.43 4.79 -11.37
N GLU A 664 -11.39 5.64 -11.28
CA GLU A 664 -10.49 5.93 -12.38
C GLU A 664 -9.22 5.12 -12.23
N GLN A 665 -9.05 4.12 -13.11
CA GLN A 665 -7.87 3.25 -13.08
C GLN A 665 -7.25 3.21 -14.48
N ILE A 666 -6.49 4.26 -14.84
CA ILE A 666 -6.28 4.61 -16.23
C ILE A 666 -4.79 4.65 -16.58
N SER A 667 -4.01 3.85 -15.86
CA SER A 667 -2.59 3.63 -16.15
C SER A 667 -2.44 3.06 -17.56
N THR A 668 -1.34 3.40 -18.24
CA THR A 668 -0.98 2.78 -19.52
C THR A 668 -0.80 1.29 -19.30
N ALA A 669 -1.40 0.47 -20.18
CA ALA A 669 -1.32 -0.98 -20.10
C ALA A 669 0.14 -1.41 -19.97
N GLY A 670 0.42 -2.19 -18.91
CA GLY A 670 1.73 -2.77 -18.68
C GLY A 670 2.51 -2.07 -17.56
N THR A 671 1.97 -0.94 -17.06
CA THR A 671 2.68 -0.11 -16.12
C THR A 671 2.27 -0.40 -14.68
N GLU A 672 0.96 -0.52 -14.42
CA GLU A 672 0.42 -0.78 -13.08
C GLU A 672 0.39 -2.28 -12.82
N ALA A 673 1.30 -2.76 -11.96
CA ALA A 673 1.51 -4.18 -11.73
C ALA A 673 0.20 -4.85 -11.30
N SER A 674 -0.51 -4.21 -10.38
CA SER A 674 -1.79 -4.71 -9.91
C SER A 674 -2.75 -3.55 -9.64
N GLY A 675 -2.33 -2.66 -8.73
CA GLY A 675 -3.23 -1.73 -8.06
C GLY A 675 -4.05 -2.44 -6.98
N THR A 676 -4.53 -1.67 -5.99
CA THR A 676 -5.40 -2.19 -4.95
C THR A 676 -6.55 -1.24 -4.71
N GLY A 677 -6.33 0.06 -5.00
CA GLY A 677 -7.39 1.04 -5.02
C GLY A 677 -8.56 0.55 -5.85
N ASN A 678 -8.25 -0.03 -7.02
CA ASN A 678 -9.25 -0.54 -7.95
C ASN A 678 -10.22 -1.45 -7.21
N MET A 679 -9.67 -2.33 -6.36
CA MET A 679 -10.44 -3.34 -5.65
C MET A 679 -11.28 -2.69 -4.53
N1 LLP A 680 -2.71 5.00 -1.02
C2 LLP A 680 -3.64 4.73 -0.11
C2' LLP A 680 -3.80 5.68 1.04
C3 LLP A 680 -4.44 3.58 -0.22
O3 LLP A 680 -5.37 3.35 0.73
C4 LLP A 680 -4.26 2.72 -1.32
C4' LLP A 680 -5.07 1.52 -1.46
C5 LLP A 680 -3.25 3.03 -2.26
C6 LLP A 680 -2.52 4.18 -2.07
C5' LLP A 680 -2.99 2.18 -3.47
OP4 LLP A 680 -3.86 2.66 -4.55
P LLP A 680 -3.57 2.37 -6.12
OP1 LLP A 680 -4.73 3.00 -6.87
OP2 LLP A 680 -2.25 3.02 -6.46
OP3 LLP A 680 -3.54 0.85 -6.25
N LLP A 680 -10.76 -1.61 -3.94
CA LLP A 680 -11.43 -0.93 -2.85
CB LLP A 680 -10.53 0.13 -2.23
CG LLP A 680 -9.33 -0.40 -1.46
CD LLP A 680 -8.32 0.69 -1.10
CE LLP A 680 -6.92 0.15 -0.98
NZ LLP A 680 -5.98 1.21 -0.63
C LLP A 680 -12.75 -0.33 -3.34
O LLP A 680 -13.77 -0.43 -2.66
N PHE A 681 -12.70 0.27 -4.54
CA PHE A 681 -13.83 0.95 -5.15
C PHE A 681 -14.88 -0.07 -5.60
N MET A 682 -14.43 -1.20 -6.15
CA MET A 682 -15.30 -2.25 -6.64
C MET A 682 -16.14 -2.78 -5.47
N LEU A 683 -15.50 -2.89 -4.29
CA LEU A 683 -16.11 -3.47 -3.11
C LEU A 683 -17.17 -2.53 -2.54
N ASN A 684 -17.08 -1.23 -2.90
CA ASN A 684 -17.81 -0.16 -2.26
C ASN A 684 -18.82 0.50 -3.21
N GLY A 685 -19.07 -0.13 -4.37
CA GLY A 685 -20.23 0.22 -5.17
C GLY A 685 -19.98 1.38 -6.12
N ALA A 686 -18.73 1.50 -6.58
CA ALA A 686 -18.39 2.40 -7.67
C ALA A 686 -18.14 1.55 -8.92
N LEU A 687 -18.45 2.10 -10.10
CA LEU A 687 -18.09 1.46 -11.35
C LEU A 687 -16.68 1.90 -11.74
N THR A 688 -16.00 1.07 -12.54
CA THR A 688 -14.62 1.31 -12.90
C THR A 688 -14.53 1.71 -14.37
N ILE A 689 -13.91 2.88 -14.64
CA ILE A 689 -13.38 3.15 -15.97
C ILE A 689 -11.87 2.90 -15.91
N GLY A 690 -11.37 2.04 -16.79
CA GLY A 690 -9.97 1.68 -16.71
C GLY A 690 -9.45 0.93 -17.93
N THR A 691 -8.11 0.83 -18.02
CA THR A 691 -7.39 0.09 -19.03
C THR A 691 -7.26 -1.37 -18.60
N MET A 692 -7.01 -2.26 -19.57
CA MET A 692 -6.67 -3.64 -19.28
C MET A 692 -5.22 -3.68 -18.78
N ASP A 693 -5.04 -3.23 -17.54
CA ASP A 693 -3.76 -3.18 -16.84
C ASP A 693 -3.97 -3.79 -15.46
N GLY A 694 -2.94 -4.47 -14.93
CA GLY A 694 -2.96 -4.92 -13.54
C GLY A 694 -4.16 -5.81 -13.23
N ALA A 695 -4.69 -5.67 -12.01
CA ALA A 695 -5.81 -6.47 -11.53
C ALA A 695 -7.11 -6.07 -12.21
N ASN A 696 -7.13 -4.93 -12.92
CA ASN A 696 -8.28 -4.49 -13.70
C ASN A 696 -8.77 -5.64 -14.59
N VAL A 697 -7.82 -6.36 -15.19
CA VAL A 697 -8.09 -7.44 -16.12
C VAL A 697 -8.90 -8.54 -15.44
N GLU A 698 -8.54 -8.85 -14.18
CA GLU A 698 -9.18 -9.92 -13.43
C GLU A 698 -10.52 -9.44 -12.87
N MET A 699 -10.62 -8.15 -12.57
CA MET A 699 -11.85 -7.57 -12.08
C MET A 699 -12.92 -7.64 -13.17
N ALA A 700 -12.56 -7.25 -14.40
CA ALA A 700 -13.42 -7.29 -15.57
C ALA A 700 -13.81 -8.73 -15.90
N GLU A 701 -12.87 -9.66 -15.71
CA GLU A 701 -13.10 -11.08 -15.92
C GLU A 701 -14.15 -11.59 -14.94
N GLU A 702 -14.02 -11.20 -13.66
CA GLU A 702 -14.89 -11.66 -12.58
C GLU A 702 -16.32 -11.12 -12.78
N ALA A 703 -16.43 -9.82 -13.05
CA ALA A 703 -17.71 -9.14 -13.13
C ALA A 703 -18.36 -9.28 -14.51
N GLY A 704 -17.52 -9.49 -15.54
CA GLY A 704 -17.96 -9.46 -16.92
C GLY A 704 -17.62 -8.11 -17.56
N GLU A 705 -17.07 -8.16 -18.78
CA GLU A 705 -16.60 -6.99 -19.51
C GLU A 705 -17.73 -5.99 -19.73
N GLU A 706 -18.98 -6.50 -19.81
CA GLU A 706 -20.15 -5.69 -20.04
C GLU A 706 -20.48 -4.82 -18.82
N ASN A 707 -19.88 -5.16 -17.67
CA ASN A 707 -20.14 -4.47 -16.41
C ASN A 707 -18.95 -3.60 -16.02
N PHE A 708 -18.11 -3.27 -17.01
CA PHE A 708 -16.85 -2.56 -16.80
C PHE A 708 -16.61 -1.59 -17.95
N PHE A 709 -16.14 -0.38 -17.62
CA PHE A 709 -15.85 0.63 -18.63
C PHE A 709 -14.39 0.52 -19.05
N ILE A 710 -14.10 -0.52 -19.82
CA ILE A 710 -12.79 -0.82 -20.38
C ILE A 710 -12.60 0.02 -21.64
N PHE A 711 -11.42 0.66 -21.75
CA PHE A 711 -11.03 1.42 -22.93
C PHE A 711 -9.52 1.30 -23.13
N GLY A 712 -9.06 1.77 -24.29
CA GLY A 712 -7.65 2.07 -24.52
C GLY A 712 -6.87 0.87 -25.05
N MET A 713 -5.59 1.11 -25.31
CA MET A 713 -4.67 0.09 -25.80
C MET A 713 -4.57 -1.04 -24.78
N ARG A 714 -4.46 -2.28 -25.29
CA ARG A 714 -4.00 -3.41 -24.52
C ARG A 714 -2.48 -3.39 -24.54
N VAL A 715 -1.85 -4.28 -23.77
CA VAL A 715 -0.39 -4.43 -23.71
C VAL A 715 0.16 -4.59 -25.12
N GLU A 716 -0.50 -5.42 -25.94
CA GLU A 716 -0.07 -5.76 -27.28
C GLU A 716 0.00 -4.51 -28.16
N ASP A 717 -0.97 -3.61 -27.95
CA ASP A 717 -1.13 -2.38 -28.73
C ASP A 717 0.04 -1.44 -28.44
N VAL A 718 0.44 -1.37 -27.17
CA VAL A 718 1.51 -0.49 -26.74
C VAL A 718 2.83 -0.92 -27.41
N ASP A 719 3.07 -2.24 -27.44
CA ASP A 719 4.20 -2.86 -28.09
C ASP A 719 4.24 -2.50 -29.58
N ARG A 720 3.08 -2.63 -30.26
CA ARG A 720 2.97 -2.29 -31.67
C ARG A 720 3.40 -0.84 -31.89
N LEU A 721 2.95 0.06 -31.01
CA LEU A 721 3.24 1.48 -31.12
C LEU A 721 4.73 1.73 -30.90
N ASP A 722 5.33 1.02 -29.94
CA ASP A 722 6.74 1.16 -29.59
C ASP A 722 7.63 0.72 -30.75
N GLN A 723 7.26 -0.37 -31.42
CA GLN A 723 8.06 -0.93 -32.50
C GLN A 723 8.18 0.09 -33.63
N ARG A 724 7.08 0.78 -33.96
CA ARG A 724 7.09 1.72 -35.06
C ARG A 724 7.48 3.11 -34.59
N GLY A 725 7.26 3.40 -33.29
CA GLY A 725 7.59 4.68 -32.68
C GLY A 725 6.34 5.50 -32.35
N TYR A 726 6.32 6.09 -31.14
CA TYR A 726 5.19 6.91 -30.70
C TYR A 726 5.41 8.37 -31.09
N ASN A 727 4.61 8.83 -32.06
CA ASN A 727 4.58 10.23 -32.49
C ASN A 727 3.29 10.89 -32.01
N ALA A 728 3.42 11.75 -31.00
CA ALA A 728 2.29 12.41 -30.36
C ALA A 728 1.70 13.47 -31.28
N GLN A 729 2.54 14.05 -32.14
CA GLN A 729 2.14 15.07 -33.10
C GLN A 729 0.95 14.57 -33.93
N GLU A 730 0.99 13.28 -34.30
CA GLU A 730 -0.01 12.63 -35.12
C GLU A 730 -1.40 12.77 -34.50
N TYR A 731 -1.50 12.57 -33.17
CA TYR A 731 -2.75 12.69 -32.43
C TYR A 731 -3.16 14.16 -32.34
N TYR A 732 -2.20 15.04 -32.06
CA TYR A 732 -2.43 16.48 -32.00
C TYR A 732 -2.98 16.99 -33.33
N ASP A 733 -2.52 16.38 -34.44
CA ASP A 733 -2.89 16.81 -35.78
C ASP A 733 -4.29 16.36 -36.15
N ARG A 734 -4.73 15.22 -35.61
CA ARG A 734 -5.91 14.52 -36.10
C ARG A 734 -7.13 14.73 -35.19
N ILE A 735 -6.89 15.21 -33.96
CA ILE A 735 -7.96 15.34 -32.98
C ILE A 735 -8.11 16.81 -32.60
N PRO A 736 -9.06 17.55 -33.24
CA PRO A 736 -9.26 18.98 -32.97
C PRO A 736 -9.50 19.31 -31.50
N GLU A 737 -10.29 18.46 -30.82
CA GLU A 737 -10.60 18.64 -29.42
C GLU A 737 -9.32 18.64 -28.60
N LEU A 738 -8.39 17.75 -28.93
CA LEU A 738 -7.11 17.61 -28.26
C LEU A 738 -6.21 18.82 -28.54
N ARG A 739 -6.21 19.29 -29.80
CA ARG A 739 -5.39 20.41 -30.21
C ARG A 739 -5.76 21.64 -29.40
N GLN A 740 -7.06 21.92 -29.32
CA GLN A 740 -7.60 23.04 -28.56
C GLN A 740 -7.05 23.03 -27.13
N ILE A 741 -7.01 21.86 -26.50
CA ILE A 741 -6.61 21.74 -25.11
C ILE A 741 -5.13 22.09 -24.95
N ILE A 742 -4.30 21.62 -25.89
CA ILE A 742 -2.86 21.84 -25.86
C ILE A 742 -2.56 23.33 -26.12
N GLU A 743 -3.36 23.95 -26.98
CA GLU A 743 -3.23 25.37 -27.26
C GLU A 743 -3.61 26.18 -26.01
N GLN A 744 -4.58 25.69 -25.25
CA GLN A 744 -5.04 26.38 -24.04
C GLN A 744 -3.95 26.33 -22.96
N LEU A 745 -3.30 25.17 -22.82
CA LEU A 745 -2.25 24.95 -21.84
C LEU A 745 -1.06 25.85 -22.13
N SER A 746 -0.68 25.93 -23.42
CA SER A 746 0.49 26.64 -23.91
C SER A 746 0.32 28.15 -23.79
N SER A 747 -0.86 28.64 -24.20
CA SER A 747 -1.13 30.06 -24.33
C SER A 747 -1.36 30.72 -22.98
N GLY A 748 -1.66 29.89 -21.97
CA GLY A 748 -1.81 30.35 -20.59
C GLY A 748 -3.27 30.59 -20.18
N PHE A 749 -4.20 29.84 -20.79
CA PHE A 749 -5.60 29.93 -20.44
C PHE A 749 -5.79 29.61 -18.96
N PHE A 750 -4.98 28.66 -18.46
CA PHE A 750 -5.09 28.13 -17.10
C PHE A 750 -4.02 28.72 -16.18
N SER A 751 -3.19 29.62 -16.72
CA SER A 751 -2.19 30.32 -15.93
C SER A 751 -2.01 31.74 -16.48
N PRO A 752 -2.99 32.64 -16.26
CA PRO A 752 -3.00 33.96 -16.90
C PRO A 752 -1.79 34.81 -16.53
N LYS A 753 -1.34 34.71 -15.27
CA LYS A 753 -0.25 35.51 -14.75
C LYS A 753 1.10 34.94 -15.19
N GLN A 754 1.21 33.61 -15.24
CA GLN A 754 2.42 32.94 -15.71
C GLN A 754 2.09 32.12 -16.96
N PRO A 755 2.03 32.75 -18.16
CA PRO A 755 1.56 32.06 -19.37
C PRO A 755 2.32 30.79 -19.75
N ASP A 756 3.59 30.70 -19.32
CA ASP A 756 4.46 29.60 -19.70
C ASP A 756 4.60 28.58 -18.57
N LEU A 757 3.68 28.63 -17.58
CA LEU A 757 3.80 27.81 -16.39
C LEU A 757 3.89 26.32 -16.76
N PHE A 758 3.09 25.92 -17.75
CA PHE A 758 2.84 24.52 -18.05
C PHE A 758 3.57 24.08 -19.31
N LYS A 759 4.69 24.76 -19.63
CA LYS A 759 5.46 24.46 -20.84
C LYS A 759 6.06 23.06 -20.74
N ASP A 760 6.43 22.66 -19.51
CA ASP A 760 7.06 21.37 -19.27
C ASP A 760 6.07 20.22 -19.49
N ILE A 761 4.80 20.47 -19.14
CA ILE A 761 3.72 19.51 -19.35
C ILE A 761 3.52 19.31 -20.86
N VAL A 762 3.36 20.43 -21.59
CA VAL A 762 3.08 20.39 -23.02
C VAL A 762 4.23 19.69 -23.74
N ASN A 763 5.47 20.07 -23.39
CA ASN A 763 6.69 19.59 -24.03
C ASN A 763 6.82 18.08 -23.86
N MET A 764 6.46 17.59 -22.67
CA MET A 764 6.57 16.17 -22.34
C MET A 764 5.54 15.39 -23.15
N LEU A 765 4.29 15.89 -23.16
CA LEU A 765 3.17 15.24 -23.84
C LEU A 765 3.45 15.12 -25.34
N MET A 766 4.17 16.11 -25.89
CA MET A 766 4.43 16.24 -27.31
C MET A 766 5.66 15.43 -27.74
N HIS A 767 6.69 15.35 -26.88
CA HIS A 767 8.01 14.88 -27.32
C HIS A 767 8.57 13.72 -26.48
N HIS A 768 8.20 13.61 -25.19
CA HIS A 768 8.85 12.63 -24.33
C HIS A 768 7.85 11.89 -23.43
N ASP A 769 6.69 11.52 -23.99
CA ASP A 769 5.63 10.88 -23.23
C ASP A 769 5.79 9.36 -23.28
N ARG A 770 6.32 8.79 -22.18
CA ARG A 770 6.56 7.36 -22.10
C ARG A 770 5.25 6.59 -21.95
N PHE A 771 4.16 7.31 -21.63
CA PHE A 771 2.93 6.70 -21.17
C PHE A 771 1.75 6.97 -22.12
N LYS A 772 2.05 7.59 -23.27
CA LYS A 772 1.17 7.58 -24.43
C LYS A 772 -0.23 8.07 -24.08
N VAL A 773 -0.30 9.25 -23.45
CA VAL A 773 -1.53 9.88 -22.99
C VAL A 773 -2.46 10.16 -24.18
N PHE A 774 -1.88 10.66 -25.28
CA PHE A 774 -2.65 11.04 -26.46
C PHE A 774 -3.24 9.80 -27.14
N ALA A 775 -2.52 8.67 -27.08
CA ALA A 775 -2.90 7.45 -27.77
C ALA A 775 -4.23 6.92 -27.24
N ASP A 776 -4.49 7.17 -25.95
CA ASP A 776 -5.68 6.64 -25.29
C ASP A 776 -6.78 7.71 -25.18
N TYR A 777 -6.49 8.94 -25.62
CA TYR A 777 -7.36 10.08 -25.39
C TYR A 777 -8.76 9.85 -25.95
N GLU A 778 -8.84 9.45 -27.23
CA GLU A 778 -10.11 9.36 -27.96
C GLU A 778 -11.02 8.30 -27.35
N GLU A 779 -10.47 7.12 -27.10
CA GLU A 779 -11.23 6.01 -26.53
C GLU A 779 -11.68 6.31 -25.11
N TYR A 780 -10.87 7.09 -24.36
CA TYR A 780 -11.18 7.51 -23.00
C TYR A 780 -12.42 8.43 -22.99
N VAL A 781 -12.39 9.47 -23.81
CA VAL A 781 -13.46 10.45 -23.85
C VAL A 781 -14.78 9.77 -24.25
N LYS A 782 -14.73 8.95 -25.29
CA LYS A 782 -15.90 8.21 -25.77
C LYS A 782 -16.44 7.31 -24.66
N CYS A 783 -15.55 6.60 -23.96
CA CYS A 783 -15.93 5.69 -22.90
C CYS A 783 -16.54 6.45 -21.72
N GLN A 784 -16.02 7.66 -21.47
CA GLN A 784 -16.56 8.57 -20.46
C GLN A 784 -17.99 9.01 -20.81
N GLU A 785 -18.28 9.16 -22.11
CA GLU A 785 -19.62 9.48 -22.60
C GLU A 785 -20.58 8.35 -22.25
N ARG A 786 -20.08 7.10 -22.29
CA ARG A 786 -20.88 5.93 -22.01
C ARG A 786 -21.21 5.84 -20.51
N VAL A 787 -20.27 6.31 -19.68
CA VAL A 787 -20.45 6.35 -18.24
C VAL A 787 -21.62 7.28 -17.92
N SER A 788 -21.61 8.46 -18.54
CA SER A 788 -22.62 9.49 -18.33
C SER A 788 -23.99 8.99 -18.76
N ALA A 789 -24.03 8.26 -19.87
CA ALA A 789 -25.25 7.72 -20.44
C ALA A 789 -25.89 6.75 -19.46
N LEU A 790 -25.08 5.91 -18.83
CA LEU A 790 -25.59 4.91 -17.89
C LEU A 790 -26.05 5.60 -16.60
N TYR A 791 -25.38 6.69 -16.22
CA TYR A 791 -25.69 7.40 -14.99
C TYR A 791 -27.09 8.05 -15.09
N LYS A 792 -27.53 8.37 -16.32
CA LYS A 792 -28.83 8.94 -16.59
C LYS A 792 -29.94 7.97 -16.21
N ASN A 793 -29.60 6.68 -16.12
CA ASN A 793 -30.54 5.61 -15.79
C ASN A 793 -30.16 5.00 -14.44
N PRO A 794 -30.61 5.59 -13.30
CA PRO A 794 -30.19 5.15 -11.97
C PRO A 794 -30.31 3.65 -11.69
N ARG A 795 -31.39 3.03 -12.20
CA ARG A 795 -31.72 1.65 -11.92
C ARG A 795 -30.70 0.71 -12.57
N GLU A 796 -30.32 1.03 -13.82
CA GLU A 796 -29.39 0.22 -14.58
C GLU A 796 -27.96 0.45 -14.09
N TRP A 797 -27.68 1.67 -13.64
CA TRP A 797 -26.42 1.97 -12.99
C TRP A 797 -26.27 1.06 -11.78
N THR A 798 -27.31 1.02 -10.94
CA THR A 798 -27.27 0.34 -9.66
C THR A 798 -27.18 -1.18 -9.86
N ARG A 799 -27.86 -1.68 -10.90
CA ARG A 799 -27.83 -3.10 -11.21
C ARG A 799 -26.41 -3.53 -11.59
N MET A 800 -25.71 -2.67 -12.34
CA MET A 800 -24.34 -2.93 -12.75
C MET A 800 -23.42 -2.91 -11.53
N VAL A 801 -23.69 -1.97 -10.61
CA VAL A 801 -22.97 -1.84 -9.35
C VAL A 801 -23.07 -3.14 -8.57
N ILE A 802 -24.28 -3.70 -8.51
CA ILE A 802 -24.54 -4.95 -7.78
C ILE A 802 -23.73 -6.09 -8.39
N ARG A 803 -23.63 -6.11 -9.73
CA ARG A 803 -22.87 -7.14 -10.43
C ARG A 803 -21.38 -7.03 -10.10
N ASN A 804 -20.92 -5.82 -9.76
CA ASN A 804 -19.53 -5.58 -9.40
C ASN A 804 -19.26 -6.04 -7.96
N ILE A 805 -20.06 -5.53 -7.01
CA ILE A 805 -19.93 -5.88 -5.60
C ILE A 805 -19.99 -7.39 -5.44
N ALA A 806 -20.92 -8.02 -6.16
CA ALA A 806 -21.22 -9.43 -6.04
C ALA A 806 -20.10 -10.32 -6.58
N THR A 807 -19.20 -9.76 -7.39
CA THR A 807 -18.12 -10.53 -7.98
C THR A 807 -16.75 -10.04 -7.48
N SER A 808 -16.74 -9.29 -6.37
CA SER A 808 -15.51 -8.69 -5.87
C SER A 808 -14.78 -9.61 -4.89
N GLY A 809 -15.35 -10.80 -4.66
CA GLY A 809 -14.89 -11.73 -3.64
C GLY A 809 -13.42 -12.15 -3.80
N LYS A 810 -12.97 -12.30 -5.05
CA LYS A 810 -11.63 -12.82 -5.36
C LYS A 810 -10.57 -11.86 -4.83
N PHE A 811 -10.96 -10.60 -4.62
CA PHE A 811 -10.02 -9.52 -4.38
C PHE A 811 -9.86 -9.28 -2.88
N SER A 812 -10.31 -10.25 -2.09
CA SER A 812 -10.06 -10.29 -0.67
C SER A 812 -8.64 -10.82 -0.41
N SER A 813 -7.91 -10.12 0.47
CA SER A 813 -6.57 -10.52 0.86
C SER A 813 -6.58 -11.87 1.58
N ASP A 814 -7.77 -12.32 1.99
CA ASP A 814 -7.93 -13.64 2.60
C ASP A 814 -7.57 -14.70 1.56
N ARG A 815 -8.12 -14.51 0.35
CA ARG A 815 -7.83 -15.39 -0.78
C ARG A 815 -6.32 -15.32 -1.07
N THR A 816 -5.77 -14.10 -1.14
CA THR A 816 -4.38 -13.89 -1.47
C THR A 816 -3.47 -14.64 -0.50
N ILE A 817 -3.70 -14.44 0.80
CA ILE A 817 -2.86 -15.01 1.85
C ILE A 817 -3.01 -16.53 1.87
N ALA A 818 -4.24 -17.02 1.67
CA ALA A 818 -4.49 -18.45 1.56
C ALA A 818 -3.60 -19.07 0.46
N GLN A 819 -3.44 -18.34 -0.65
CA GLN A 819 -2.66 -18.82 -1.78
C GLN A 819 -1.16 -18.75 -1.46
N TYR A 820 -0.72 -17.66 -0.79
CA TYR A 820 0.65 -17.56 -0.32
C TYR A 820 0.99 -18.74 0.59
N ALA A 821 0.08 -19.02 1.54
CA ALA A 821 0.26 -20.02 2.58
C ALA A 821 0.40 -21.42 1.98
N ARG A 822 -0.43 -21.74 0.98
CA ARG A 822 -0.48 -23.08 0.42
C ARG A 822 0.64 -23.29 -0.61
N GLU A 823 0.93 -22.26 -1.43
CA GLU A 823 1.75 -22.43 -2.61
C GLU A 823 3.19 -21.92 -2.39
N ILE A 824 3.42 -21.16 -1.31
CA ILE A 824 4.76 -20.62 -1.04
C ILE A 824 5.26 -21.04 0.35
N TRP A 825 4.46 -20.78 1.40
CA TRP A 825 4.93 -20.89 2.77
C TRP A 825 4.83 -22.33 3.29
N GLY A 826 3.84 -23.08 2.77
CA GLY A 826 3.64 -24.48 3.14
C GLY A 826 2.96 -24.65 4.49
N VAL A 827 1.98 -23.78 4.77
CA VAL A 827 1.19 -23.82 5.99
C VAL A 827 -0.29 -23.82 5.59
N GLU A 828 -1.15 -24.40 6.44
CA GLU A 828 -2.57 -24.48 6.16
C GLU A 828 -3.28 -23.37 6.95
N PRO A 829 -4.03 -22.46 6.28
CA PRO A 829 -4.86 -21.48 7.00
C PRO A 829 -5.99 -22.13 7.80
N SER A 830 -6.47 -21.43 8.83
CA SER A 830 -7.49 -21.90 9.74
C SER A 830 -8.47 -20.79 10.06
N ARG A 831 -9.77 -21.12 10.12
CA ARG A 831 -10.82 -20.17 10.48
C ARG A 831 -11.33 -20.45 11.91
N GLN A 832 -10.73 -21.47 12.56
CA GLN A 832 -11.09 -21.88 13.91
C GLN A 832 -10.68 -20.80 14.91
N ARG A 833 -11.56 -20.56 15.91
CA ARG A 833 -11.36 -19.56 16.95
C ARG A 833 -10.45 -20.12 18.04
N LEU A 834 -9.54 -19.28 18.56
CA LEU A 834 -8.86 -19.53 19.83
C LEU A 834 -9.84 -19.26 20.96
N PRO A 835 -9.73 -19.95 22.13
CA PRO A 835 -10.52 -19.60 23.31
C PRO A 835 -10.19 -18.20 23.84
N ALA A 836 -11.22 -17.46 24.26
CA ALA A 836 -11.10 -16.08 24.71
C ALA A 836 -10.23 -16.00 25.97
C4 O9T B . 11.95 11.79 -7.72
C5 O9T B . 11.23 10.92 -8.59
C6 O9T B . 11.56 10.96 -9.95
C7 O9T B . 10.17 10.03 -8.11
C8 O9T B . 9.55 9.23 -9.15
C10 O9T B . 9.32 8.49 -11.51
C13 O9T B . 8.25 6.88 -13.54
C15 O9T B . 8.80 7.23 -11.21
C1 O9T B . 12.54 11.77 -10.47
C2 O9T B . 13.24 12.59 -9.59
C3 O9T B . 12.95 12.60 -8.22
C9 O9T B . 9.91 9.31 -10.44
O1 O9T B . 10.90 10.15 -10.85
O2 O9T B . 14.21 13.40 -10.06
O3 O9T B . 11.70 11.79 -6.39
O4 O9T B . 9.84 9.95 -6.92
C11 O9T B . 9.32 8.93 -12.83
C12 O9T B . 8.78 8.13 -13.83
C14 O9T B . 8.26 6.45 -12.22
C16 O9T B . 7.66 6.02 -14.63
#